data_7RK5
#
_entry.id   7RK5
#
_cell.length_a   209.883
_cell.length_b   71.289
_cell.length_c   69.157
_cell.angle_alpha   90.000
_cell.angle_beta   101.150
_cell.angle_gamma   90.000
#
_symmetry.space_group_name_H-M   'C 1 2 1'
#
loop_
_entity.id
_entity.type
_entity.pdbx_description
1 polymer 'Mannitol 2-dehydrogenase'
2 non-polymer '1,4-DIHYDRONICOTINAMIDE ADENINE DINUCLEOTIDE'
3 water water
#
_entity_poly.entity_id   1
_entity_poly.type   'polypeptide(L)'
_entity_poly.pdbx_seq_one_letter_code
;MAPLKLNSRNLSQIAAAGGALVKIPTYQRGRAVKEGIVHIGVGGFHRAHLAVYIDQLMQKHGVNDYAICGVGLQPFDSAM
RDALASQDHLYTLIERSAKGSFAHVIGSINSYLFAPDNREAVIAKMAHPDTKIVSLTITESGYYYNENTHELQSEHPDIQ
FDLDPANEKAPRTTFGFLYAGLTRRYQQGLKPFTVMSCDNMQKNGSITRHMLESFARLRNPEVAEWIAEEGAFPNAMVDR
ITPQTSETDKTALAEKFGIVDSWPVVTEPFTQWVIEDQFSDGRPPFEKVGVQVVKDVHAVEQFEKHKLRLLNGSHSALGY
PGQLAGFQYVHEVMANPLFRKFVWQMMQEEVKPLLPEIPGVDIDEYCNTLIERFTNPTIMDQLPRICLNASGKIPQFIMP
SIAEAIWETGPFRRLCFVAAAWFHYIKGVDDRGKPFEVVDPMREELQAKARAGGNDPSELLSIKSLFGDDLRNDERFLRE
ITTAMNDIARDGIMKTLPKYINGSHHHHHH
;
_entity_poly.pdbx_strand_id   B,A
#
loop_
_chem_comp.id
_chem_comp.type
_chem_comp.name
_chem_comp.formula
NAI non-polymer '1,4-DIHYDRONICOTINAMIDE ADENINE DINUCLEOTIDE' 'C21 H29 N7 O14 P2'
#
# COMPACT_ATOMS: atom_id res chain seq x y z
N ALA A 2 9.88 -54.69 4.05
CA ALA A 2 10.70 -53.53 3.75
C ALA A 2 9.82 -52.35 3.36
N PRO A 3 10.22 -51.15 3.77
CA PRO A 3 9.47 -49.96 3.34
C PRO A 3 9.55 -49.82 1.83
N LEU A 4 8.45 -49.34 1.25
CA LEU A 4 8.33 -49.22 -0.20
C LEU A 4 8.37 -47.75 -0.60
N LYS A 5 9.05 -47.47 -1.70
CA LYS A 5 9.00 -46.15 -2.29
C LYS A 5 7.59 -45.81 -2.71
N LEU A 6 7.12 -44.63 -2.29
CA LEU A 6 5.79 -44.17 -2.64
C LEU A 6 5.74 -43.83 -4.13
N ASN A 7 4.97 -44.60 -4.89
CA ASN A 7 4.67 -44.31 -6.29
C ASN A 7 3.41 -45.08 -6.67
N SER A 8 2.97 -44.91 -7.92
CA SER A 8 1.73 -45.56 -8.35
C SER A 8 1.86 -47.08 -8.33
N ARG A 9 3.00 -47.60 -8.76
CA ARG A 9 3.18 -49.05 -8.80
C ARG A 9 3.07 -49.67 -7.41
N ASN A 10 3.55 -48.97 -6.38
CA ASN A 10 3.62 -49.53 -5.05
C ASN A 10 2.38 -49.25 -4.21
N LEU A 11 1.46 -48.44 -4.71
CA LEU A 11 0.38 -47.93 -3.89
C LEU A 11 -0.43 -49.04 -3.24
N SER A 12 -0.84 -50.05 -4.03
CA SER A 12 -1.68 -51.11 -3.49
C SER A 12 -0.91 -51.98 -2.49
N GLN A 13 0.37 -52.27 -2.76
CA GLN A 13 1.20 -52.95 -1.76
C GLN A 13 1.32 -52.14 -0.47
N ILE A 14 1.46 -50.83 -0.59
CA ILE A 14 1.61 -49.97 0.59
C ILE A 14 0.34 -50.02 1.44
N ALA A 15 -0.81 -49.88 0.79
CA ALA A 15 -2.08 -49.99 1.49
C ALA A 15 -2.34 -51.42 2.00
N ALA A 16 -1.91 -52.44 1.25
CA ALA A 16 -2.07 -53.82 1.72
C ALA A 16 -1.25 -54.07 2.98
N ALA A 17 0.01 -53.64 2.99
CA ALA A 17 0.85 -53.79 4.17
C ALA A 17 0.47 -52.83 5.28
N GLY A 18 -0.16 -51.71 4.94
CA GLY A 18 -0.38 -50.68 5.94
C GLY A 18 -1.63 -50.91 6.75
N GLY A 19 -2.65 -51.52 6.15
CA GLY A 19 -3.86 -51.84 6.90
C GLY A 19 -4.53 -50.61 7.49
N ALA A 20 -4.86 -50.69 8.78
CA ALA A 20 -5.61 -49.60 9.39
C ALA A 20 -4.80 -48.31 9.52
N LEU A 21 -3.48 -48.35 9.30
CA LEU A 21 -2.62 -47.19 9.55
C LEU A 21 -2.44 -46.30 8.33
N VAL A 22 -2.88 -46.74 7.15
CA VAL A 22 -2.60 -46.05 5.90
C VAL A 22 -3.87 -45.97 5.08
N LYS A 23 -4.14 -44.79 4.52
CA LYS A 23 -5.20 -44.58 3.55
C LYS A 23 -4.54 -44.19 2.22
N ILE A 24 -5.01 -44.78 1.13
CA ILE A 24 -4.49 -44.41 -0.19
C ILE A 24 -5.64 -43.87 -1.01
N PRO A 25 -5.34 -43.02 -1.99
CA PRO A 25 -6.38 -42.62 -2.95
C PRO A 25 -6.70 -43.81 -3.85
N THR A 26 -7.99 -44.09 -4.01
CA THR A 26 -8.42 -45.16 -4.90
C THR A 26 -9.09 -44.63 -6.14
N TYR A 27 -9.26 -43.31 -6.25
CA TYR A 27 -9.77 -42.72 -7.47
C TYR A 27 -8.71 -42.75 -8.57
N GLN A 28 -9.14 -42.51 -9.80
CA GLN A 28 -8.22 -42.52 -10.94
C GLN A 28 -7.49 -41.17 -11.06
N ARG A 29 -6.21 -41.24 -11.41
CA ARG A 29 -5.34 -40.08 -11.57
C ARG A 29 -4.81 -40.05 -13.00
N GLY A 30 -3.87 -39.15 -13.24
CA GLY A 30 -3.19 -39.12 -14.52
C GLY A 30 -4.06 -38.52 -15.61
N ARG A 31 -4.16 -39.23 -16.74
CA ARG A 31 -4.95 -38.74 -17.86
C ARG A 31 -6.45 -38.74 -17.56
N ALA A 32 -6.90 -39.51 -16.56
CA ALA A 32 -8.32 -39.62 -16.24
C ALA A 32 -8.91 -38.34 -15.64
N VAL A 33 -8.10 -37.39 -15.15
CA VAL A 33 -8.65 -36.20 -14.52
C VAL A 33 -8.17 -34.94 -15.24
N LYS A 34 -8.89 -33.85 -15.02
CA LYS A 34 -8.51 -32.54 -15.53
C LYS A 34 -8.07 -31.63 -14.38
N GLU A 35 -7.06 -30.80 -14.65
CA GLU A 35 -6.42 -29.99 -13.62
C GLU A 35 -7.09 -28.62 -13.56
N GLY A 36 -8.23 -28.57 -12.88
CA GLY A 36 -8.99 -27.34 -12.76
C GLY A 36 -8.35 -26.32 -11.82
N ILE A 37 -7.37 -26.75 -11.02
CA ILE A 37 -6.67 -25.86 -10.09
C ILE A 37 -5.19 -25.87 -10.47
N VAL A 38 -4.64 -24.68 -10.67
CA VAL A 38 -3.19 -24.51 -10.75
C VAL A 38 -2.78 -23.79 -9.49
N HIS A 39 -1.92 -24.43 -8.69
CA HIS A 39 -1.49 -23.84 -7.43
C HIS A 39 -0.06 -23.33 -7.52
N ILE A 40 0.14 -22.08 -7.10
CA ILE A 40 1.45 -21.45 -7.09
C ILE A 40 1.99 -21.49 -5.67
N GLY A 41 3.15 -22.10 -5.50
CA GLY A 41 3.76 -22.20 -4.20
C GLY A 41 3.34 -23.47 -3.49
N VAL A 42 3.78 -24.63 -3.99
CA VAL A 42 3.47 -25.91 -3.34
C VAL A 42 4.46 -26.09 -2.19
N GLY A 43 3.96 -25.89 -0.97
CA GLY A 43 4.69 -26.09 0.26
C GLY A 43 3.92 -27.01 1.20
N GLY A 44 4.14 -26.81 2.50
CA GLY A 44 3.49 -27.68 3.46
C GLY A 44 2.00 -27.40 3.57
N PHE A 45 1.64 -26.13 3.72
CA PHE A 45 0.26 -25.80 4.01
C PHE A 45 -0.65 -26.13 2.84
N HIS A 46 -0.23 -25.83 1.60
CA HIS A 46 -1.04 -26.27 0.46
C HIS A 46 -1.31 -27.76 0.50
N ARG A 47 -0.27 -28.55 0.78
CA ARG A 47 -0.44 -30.00 0.70
C ARG A 47 -1.16 -30.57 1.91
N ALA A 48 -1.26 -29.81 3.00
CA ALA A 48 -2.01 -30.26 4.15
C ALA A 48 -3.44 -29.75 4.18
N HIS A 49 -3.73 -28.69 3.42
CA HIS A 49 -5.00 -27.98 3.53
C HIS A 49 -5.77 -28.10 2.22
N LEU A 50 -5.51 -27.23 1.25
CA LEU A 50 -6.25 -27.27 -0.01
C LEU A 50 -6.13 -28.63 -0.70
N ALA A 51 -4.93 -29.20 -0.79
CA ALA A 51 -4.80 -30.44 -1.53
C ALA A 51 -5.60 -31.56 -0.90
N VAL A 52 -5.79 -31.50 0.42
CA VAL A 52 -6.52 -32.55 1.14
C VAL A 52 -8.01 -32.44 0.87
N TYR A 53 -8.57 -31.22 0.94
CA TYR A 53 -9.95 -30.99 0.51
C TYR A 53 -10.20 -31.53 -0.92
N ILE A 54 -9.30 -31.23 -1.87
CA ILE A 54 -9.50 -31.73 -3.24
C ILE A 54 -9.46 -33.25 -3.24
N ASP A 55 -8.48 -33.82 -2.54
CA ASP A 55 -8.39 -35.27 -2.38
C ASP A 55 -9.73 -35.84 -1.94
N GLN A 56 -10.36 -35.22 -0.94
CA GLN A 56 -11.64 -35.74 -0.48
C GLN A 56 -12.74 -35.57 -1.51
N LEU A 57 -12.73 -34.47 -2.27
CA LEU A 57 -13.72 -34.32 -3.34
C LEU A 57 -13.54 -35.42 -4.37
N MET A 58 -12.28 -35.72 -4.73
CA MET A 58 -11.98 -36.73 -5.75
C MET A 58 -12.29 -38.13 -5.25
N GLN A 59 -12.13 -38.38 -3.96
CA GLN A 59 -12.29 -39.73 -3.45
C GLN A 59 -13.77 -40.06 -3.19
N LYS A 60 -14.56 -39.09 -2.72
CA LYS A 60 -15.92 -39.35 -2.26
C LYS A 60 -17.03 -38.67 -3.06
N HIS A 61 -16.73 -37.66 -3.88
CA HIS A 61 -17.80 -36.85 -4.45
C HIS A 61 -17.78 -36.78 -5.97
N GLY A 62 -16.97 -37.59 -6.62
CA GLY A 62 -17.04 -37.67 -8.06
C GLY A 62 -16.48 -36.48 -8.77
N VAL A 63 -15.61 -35.71 -8.11
CA VAL A 63 -15.05 -34.51 -8.72
C VAL A 63 -13.75 -34.89 -9.40
N ASN A 64 -13.67 -34.70 -10.71
CA ASN A 64 -12.51 -35.14 -11.45
C ASN A 64 -11.94 -34.06 -12.37
N ASP A 65 -12.48 -32.85 -12.32
CA ASP A 65 -12.01 -31.74 -13.15
C ASP A 65 -11.37 -30.65 -12.31
N TYR A 66 -10.96 -30.97 -11.08
CA TYR A 66 -10.35 -29.93 -10.25
C TYR A 66 -9.07 -30.44 -9.58
N ALA A 67 -8.46 -31.49 -10.12
CA ALA A 67 -7.14 -31.92 -9.67
C ALA A 67 -6.14 -30.77 -9.83
N ILE A 68 -4.99 -30.91 -9.18
CA ILE A 68 -4.08 -29.80 -8.99
C ILE A 68 -2.82 -29.99 -9.84
N CYS A 69 -2.52 -28.98 -10.66
CA CYS A 69 -1.20 -28.82 -11.25
C CYS A 69 -0.39 -27.91 -10.33
N GLY A 70 0.70 -28.44 -9.77
CA GLY A 70 1.55 -27.65 -8.92
C GLY A 70 2.52 -26.80 -9.72
N VAL A 71 2.82 -25.62 -9.18
CA VAL A 71 3.65 -24.63 -9.86
C VAL A 71 4.61 -24.04 -8.84
N GLY A 72 5.90 -24.12 -9.12
CA GLY A 72 6.89 -23.52 -8.24
C GLY A 72 7.67 -22.43 -8.93
N LEU A 73 7.73 -21.24 -8.33
CA LEU A 73 8.41 -20.09 -8.90
C LEU A 73 9.75 -19.80 -8.25
N GLN A 74 9.95 -20.19 -6.99
CA GLN A 74 11.18 -19.91 -6.26
C GLN A 74 12.23 -20.97 -6.55
N PRO A 75 13.51 -20.61 -6.48
CA PRO A 75 14.56 -21.62 -6.73
C PRO A 75 14.46 -22.84 -5.82
N PHE A 76 14.03 -22.66 -4.56
CA PHE A 76 13.87 -23.81 -3.68
C PHE A 76 12.81 -24.80 -4.17
N ASP A 77 11.85 -24.34 -4.98
CA ASP A 77 10.77 -25.21 -5.45
C ASP A 77 11.24 -26.32 -6.36
N SER A 78 12.50 -26.31 -6.83
CA SER A 78 12.99 -27.39 -7.69
C SER A 78 13.05 -28.70 -6.92
N ALA A 79 13.36 -28.64 -5.63
CA ALA A 79 13.36 -29.82 -4.77
C ALA A 79 11.96 -30.43 -4.63
N MET A 80 10.92 -29.59 -4.60
CA MET A 80 9.56 -30.13 -4.58
C MET A 80 9.23 -30.82 -5.89
N ARG A 81 9.66 -30.24 -7.01
CA ARG A 81 9.51 -30.90 -8.30
C ARG A 81 10.11 -32.29 -8.26
N ASP A 82 11.32 -32.43 -7.72
CA ASP A 82 11.99 -33.73 -7.75
C ASP A 82 11.32 -34.71 -6.79
N ALA A 83 10.98 -34.26 -5.59
CA ALA A 83 10.28 -35.15 -4.66
C ALA A 83 9.02 -35.70 -5.30
N LEU A 84 8.16 -34.82 -5.83
CA LEU A 84 6.86 -35.27 -6.32
C LEU A 84 7.03 -36.09 -7.59
N ALA A 85 7.94 -35.69 -8.48
CA ALA A 85 8.13 -36.39 -9.75
C ALA A 85 8.49 -37.84 -9.53
N SER A 86 9.41 -38.12 -8.59
CA SER A 86 9.83 -39.47 -8.27
C SER A 86 8.73 -40.30 -7.62
N GLN A 87 7.58 -39.70 -7.30
CA GLN A 87 6.51 -40.39 -6.57
C GLN A 87 5.19 -40.34 -7.33
N ASP A 88 5.24 -40.02 -8.63
CA ASP A 88 4.05 -39.81 -9.45
C ASP A 88 3.12 -38.76 -8.85
N HIS A 89 3.73 -37.75 -8.20
CA HIS A 89 3.07 -36.62 -7.57
C HIS A 89 2.22 -37.02 -6.37
N LEU A 90 2.27 -38.28 -5.98
CA LEU A 90 1.79 -38.75 -4.68
C LEU A 90 2.70 -38.28 -3.55
N TYR A 91 2.13 -38.09 -2.36
CA TYR A 91 2.93 -37.75 -1.18
C TYR A 91 2.07 -38.05 0.05
N THR A 92 2.74 -38.29 1.17
CA THR A 92 2.10 -38.74 2.40
C THR A 92 1.81 -37.56 3.32
N LEU A 93 0.56 -37.46 3.76
CA LEU A 93 0.15 -36.57 4.84
C LEU A 93 0.20 -37.37 6.14
N ILE A 94 1.10 -37.00 7.04
CA ILE A 94 1.26 -37.64 8.33
C ILE A 94 0.48 -36.81 9.34
N GLU A 95 -0.69 -37.30 9.76
CA GLU A 95 -1.49 -36.60 10.77
C GLU A 95 -1.02 -37.02 12.15
N ARG A 96 -0.71 -36.06 13.01
CA ARG A 96 -0.23 -36.34 14.35
C ARG A 96 -1.20 -35.77 15.37
N SER A 97 -1.68 -36.62 16.28
CA SER A 97 -2.57 -36.20 17.34
C SER A 97 -2.31 -37.07 18.56
N ALA A 98 -2.97 -36.73 19.68
CA ALA A 98 -2.86 -37.60 20.85
C ALA A 98 -3.30 -39.01 20.54
N LYS A 99 -4.18 -39.19 19.56
CA LYS A 99 -4.62 -40.52 19.13
C LYS A 99 -3.52 -41.33 18.47
N GLY A 100 -2.37 -40.73 18.17
CA GLY A 100 -1.36 -41.41 17.39
C GLY A 100 -1.06 -40.71 16.06
N SER A 101 -0.41 -41.43 15.14
CA SER A 101 -0.09 -40.87 13.83
C SER A 101 -0.78 -41.71 12.75
N PHE A 102 -1.13 -41.05 11.65
CA PHE A 102 -1.85 -41.72 10.58
C PHE A 102 -1.26 -41.25 9.26
N ALA A 103 -1.07 -42.16 8.32
CA ALA A 103 -0.46 -41.82 7.04
C ALA A 103 -1.57 -41.81 6.00
N HIS A 104 -1.90 -40.62 5.51
CA HIS A 104 -2.90 -40.44 4.45
C HIS A 104 -2.16 -40.02 3.20
N VAL A 105 -2.02 -40.97 2.27
CA VAL A 105 -1.39 -40.62 1.00
C VAL A 105 -2.38 -39.80 0.19
N ILE A 106 -1.89 -38.66 -0.34
CA ILE A 106 -2.71 -37.67 -1.04
C ILE A 106 -2.44 -37.81 -2.52
N GLY A 107 -3.51 -37.85 -3.34
CA GLY A 107 -3.34 -38.05 -4.77
C GLY A 107 -3.91 -36.94 -5.61
N SER A 108 -4.31 -35.81 -5.01
CA SER A 108 -4.97 -34.74 -5.75
C SER A 108 -4.02 -33.89 -6.58
N ILE A 109 -2.72 -33.97 -6.35
CA ILE A 109 -1.75 -33.25 -7.16
C ILE A 109 -1.38 -34.15 -8.33
N ASN A 110 -1.63 -33.68 -9.54
CA ASN A 110 -1.57 -34.53 -10.72
C ASN A 110 -0.35 -34.29 -11.59
N SER A 111 0.21 -33.08 -11.54
CA SER A 111 1.39 -32.73 -12.32
C SER A 111 2.08 -31.59 -11.60
N TYR A 112 3.29 -31.26 -12.06
CA TYR A 112 4.06 -30.17 -11.47
C TYR A 112 4.87 -29.48 -12.55
N LEU A 113 4.84 -28.14 -12.53
CA LEU A 113 5.68 -27.32 -13.39
C LEU A 113 6.60 -26.49 -12.51
N PHE A 114 7.91 -26.70 -12.69
CA PHE A 114 8.91 -25.80 -12.12
C PHE A 114 9.12 -24.67 -13.12
N ALA A 115 8.68 -23.46 -12.75
CA ALA A 115 8.59 -22.39 -13.74
C ALA A 115 9.94 -22.05 -14.38
N PRO A 116 11.03 -21.84 -13.64
CA PRO A 116 12.30 -21.50 -14.30
C PRO A 116 12.76 -22.51 -15.36
N ASP A 117 12.29 -23.76 -15.30
CA ASP A 117 12.59 -24.73 -16.36
C ASP A 117 12.03 -24.23 -17.68
N ASN A 118 10.70 -24.16 -17.79
CA ASN A 118 10.03 -23.68 -19.00
C ASN A 118 8.88 -22.78 -18.58
N ARG A 119 9.07 -21.47 -18.74
CA ARG A 119 8.05 -20.52 -18.29
C ARG A 119 6.85 -20.48 -19.23
N GLU A 120 7.04 -20.81 -20.51
CA GLU A 120 5.90 -20.82 -21.42
C GLU A 120 4.92 -21.93 -21.07
N ALA A 121 5.44 -23.08 -20.60
CA ALA A 121 4.55 -24.17 -20.22
C ALA A 121 3.61 -23.74 -19.10
N VAL A 122 4.09 -22.87 -18.20
CA VAL A 122 3.23 -22.38 -17.12
C VAL A 122 2.12 -21.50 -17.69
N ILE A 123 2.49 -20.51 -18.50
CA ILE A 123 1.50 -19.61 -19.11
C ILE A 123 0.46 -20.41 -19.89
N ALA A 124 0.92 -21.34 -20.73
CA ALA A 124 0.00 -22.21 -21.45
C ALA A 124 -0.87 -23.02 -20.49
N LYS A 125 -0.34 -23.33 -19.30
CA LYS A 125 -1.13 -24.07 -18.33
C LYS A 125 -2.24 -23.21 -17.74
N MET A 126 -1.90 -22.01 -17.27
CA MET A 126 -2.84 -21.11 -16.66
C MET A 126 -3.86 -20.53 -17.65
N ALA A 127 -3.60 -20.66 -18.96
CA ALA A 127 -4.49 -20.16 -20.00
C ALA A 127 -5.41 -21.22 -20.55
N HIS A 128 -5.02 -22.48 -20.45
CA HIS A 128 -5.83 -23.57 -20.97
C HIS A 128 -7.23 -23.51 -20.35
N PRO A 129 -8.28 -23.72 -21.16
CA PRO A 129 -9.65 -23.70 -20.60
C PRO A 129 -9.85 -24.62 -19.41
N ASP A 130 -9.07 -25.71 -19.33
CA ASP A 130 -9.15 -26.62 -18.21
C ASP A 130 -8.95 -25.91 -16.87
N THR A 131 -8.16 -24.85 -16.85
CA THR A 131 -7.85 -24.12 -15.63
C THR A 131 -9.01 -23.25 -15.23
N LYS A 132 -9.59 -23.49 -14.05
CA LYS A 132 -10.66 -22.65 -13.54
C LYS A 132 -10.24 -21.80 -12.36
N ILE A 133 -9.23 -22.23 -11.62
CA ILE A 133 -8.80 -21.62 -10.36
C ILE A 133 -7.28 -21.64 -10.32
N VAL A 134 -6.69 -20.50 -10.01
CA VAL A 134 -5.28 -20.43 -9.66
C VAL A 134 -5.24 -20.06 -8.17
N SER A 135 -4.72 -20.97 -7.35
CA SER A 135 -4.60 -20.76 -5.92
C SER A 135 -3.17 -20.41 -5.54
N LEU A 136 -3.02 -19.78 -4.38
CA LEU A 136 -1.71 -19.25 -3.98
C LEU A 136 -1.42 -19.58 -2.53
N THR A 137 -0.21 -20.10 -2.26
CA THR A 137 0.45 -20.01 -0.95
C THR A 137 1.85 -19.52 -1.27
N ILE A 138 2.02 -18.20 -1.33
CA ILE A 138 3.28 -17.59 -1.73
C ILE A 138 3.89 -16.74 -0.63
N THR A 139 3.35 -16.82 0.59
CA THR A 139 3.79 -16.02 1.74
C THR A 139 3.52 -14.53 1.50
N GLU A 140 3.43 -13.78 2.61
CA GLU A 140 3.23 -12.33 2.52
C GLU A 140 4.17 -11.68 1.49
N SER A 141 5.47 -12.01 1.56
CA SER A 141 6.46 -11.35 0.70
C SER A 141 6.18 -11.56 -0.78
N GLY A 142 5.42 -12.58 -1.14
CA GLY A 142 5.17 -12.82 -2.54
C GLY A 142 4.15 -11.90 -3.19
N TYR A 143 3.42 -11.12 -2.40
CA TYR A 143 2.37 -10.26 -2.92
C TYR A 143 2.88 -8.87 -3.32
N TYR A 144 4.13 -8.55 -2.97
CA TYR A 144 4.74 -7.26 -3.29
C TYR A 144 3.81 -6.12 -2.87
N TYR A 145 3.37 -6.18 -1.63
CA TYR A 145 2.27 -5.36 -1.13
C TYR A 145 2.80 -4.32 -0.16
N ASN A 146 2.65 -3.05 -0.53
CA ASN A 146 2.94 -1.95 0.38
C ASN A 146 1.74 -1.80 1.30
N GLU A 147 1.85 -2.37 2.50
CA GLU A 147 0.72 -2.40 3.44
C GLU A 147 0.19 -1.00 3.70
N ASN A 148 1.06 -0.01 3.79
CA ASN A 148 0.63 1.29 4.29
C ASN A 148 0.02 2.18 3.20
N THR A 149 0.46 2.05 1.95
CA THR A 149 -0.13 2.82 0.85
C THR A 149 -1.19 2.04 0.08
N HIS A 150 -1.39 0.75 0.40
CA HIS A 150 -2.29 -0.13 -0.34
C HIS A 150 -2.08 -0.01 -1.84
N GLU A 151 -0.87 -0.36 -2.27
CA GLU A 151 -0.52 -0.26 -3.68
C GLU A 151 0.50 -1.34 -4.01
N LEU A 152 0.57 -1.69 -5.29
CA LEU A 152 1.59 -2.58 -5.80
C LEU A 152 2.95 -1.92 -5.69
N GLN A 153 3.93 -2.66 -5.19
CA GLN A 153 5.31 -2.17 -5.14
C GLN A 153 5.92 -2.35 -6.52
N SER A 154 5.36 -1.63 -7.50
CA SER A 154 5.95 -1.59 -8.82
C SER A 154 7.32 -0.91 -8.80
N GLU A 155 7.71 -0.28 -7.68
CA GLU A 155 9.08 0.12 -7.46
C GLU A 155 10.02 -1.06 -7.26
N HIS A 156 9.49 -2.25 -7.06
CA HIS A 156 10.33 -3.42 -6.85
C HIS A 156 10.91 -3.89 -8.18
N PRO A 157 12.20 -4.21 -8.24
CA PRO A 157 12.78 -4.63 -9.53
C PRO A 157 12.19 -5.93 -10.06
N ASP A 158 11.64 -6.76 -9.17
CA ASP A 158 10.95 -7.95 -9.63
C ASP A 158 9.71 -7.60 -10.44
N ILE A 159 8.98 -6.56 -10.02
CA ILE A 159 7.80 -6.13 -10.77
C ILE A 159 8.20 -5.49 -12.09
N GLN A 160 9.11 -4.51 -12.04
CA GLN A 160 9.63 -3.87 -13.25
C GLN A 160 10.12 -4.90 -14.26
N PHE A 161 10.77 -5.96 -13.78
CA PHE A 161 11.22 -7.00 -14.71
C PHE A 161 10.04 -7.59 -15.46
N ASP A 162 8.94 -7.85 -14.76
CA ASP A 162 7.76 -8.44 -15.40
C ASP A 162 6.96 -7.39 -16.18
N LEU A 163 6.88 -6.15 -15.65
CA LEU A 163 6.22 -5.07 -16.37
C LEU A 163 6.92 -4.76 -17.69
N ASP A 164 8.22 -5.01 -17.76
CA ASP A 164 9.00 -4.71 -18.95
C ASP A 164 8.51 -5.54 -20.13
N PRO A 165 8.07 -4.91 -21.23
CA PRO A 165 7.62 -5.70 -22.38
C PRO A 165 8.68 -6.63 -22.94
N ALA A 166 9.95 -6.48 -22.55
CA ALA A 166 10.96 -7.42 -22.98
C ALA A 166 10.77 -8.80 -22.35
N ASN A 167 10.06 -8.88 -21.23
CA ASN A 167 9.90 -10.13 -20.49
C ASN A 167 8.46 -10.66 -20.55
N GLU A 168 7.67 -10.18 -21.52
CA GLU A 168 6.27 -10.58 -21.64
C GLU A 168 6.12 -12.11 -21.56
N LYS A 169 6.89 -12.82 -22.37
CA LYS A 169 6.80 -14.27 -22.46
C LYS A 169 7.57 -15.01 -21.37
N ALA A 170 8.32 -14.30 -20.52
CA ALA A 170 9.14 -14.95 -19.50
C ALA A 170 9.09 -14.15 -18.20
N PRO A 171 7.93 -14.13 -17.55
CA PRO A 171 7.81 -13.42 -16.28
C PRO A 171 8.47 -14.21 -15.15
N ARG A 172 8.55 -13.57 -14.01
CA ARG A 172 9.26 -14.10 -12.85
C ARG A 172 8.38 -14.21 -11.63
N THR A 173 7.53 -13.20 -11.39
CA THR A 173 6.70 -13.11 -10.21
C THR A 173 5.35 -13.80 -10.44
N THR A 174 4.58 -13.91 -9.35
CA THR A 174 3.24 -14.47 -9.45
C THR A 174 2.37 -13.66 -10.39
N PHE A 175 2.38 -12.34 -10.24
CA PHE A 175 1.52 -11.49 -11.06
C PHE A 175 1.92 -11.49 -12.53
N GLY A 176 3.21 -11.60 -12.83
CA GLY A 176 3.61 -11.71 -14.22
C GLY A 176 3.05 -12.96 -14.88
N PHE A 177 3.06 -14.08 -14.16
CA PHE A 177 2.47 -15.30 -14.71
C PHE A 177 0.94 -15.18 -14.77
N LEU A 178 0.33 -14.60 -13.74
CA LEU A 178 -1.13 -14.46 -13.74
C LEU A 178 -1.60 -13.61 -14.91
N TYR A 179 -0.99 -12.43 -15.09
CA TYR A 179 -1.34 -11.57 -16.21
C TYR A 179 -1.09 -12.24 -17.55
N ALA A 180 0.09 -12.86 -17.71
CA ALA A 180 0.40 -13.51 -18.98
C ALA A 180 -0.64 -14.58 -19.30
N GLY A 181 -1.08 -15.34 -18.29
CA GLY A 181 -2.11 -16.32 -18.53
C GLY A 181 -3.45 -15.68 -18.87
N LEU A 182 -3.77 -14.57 -18.22
CA LEU A 182 -5.09 -13.96 -18.36
C LEU A 182 -5.30 -13.36 -19.75
N THR A 183 -4.34 -12.58 -20.21
CA THR A 183 -4.49 -11.95 -21.52
C THR A 183 -4.77 -12.98 -22.61
N ARG A 184 -4.15 -14.17 -22.52
CA ARG A 184 -4.46 -15.20 -23.49
C ARG A 184 -5.92 -15.62 -23.39
N ARG A 185 -6.41 -15.86 -22.17
CA ARG A 185 -7.81 -16.20 -21.97
C ARG A 185 -8.73 -15.12 -22.52
N TYR A 186 -8.41 -13.86 -22.21
CA TYR A 186 -9.18 -12.74 -22.76
C TYR A 186 -9.18 -12.79 -24.28
N GLN A 187 -8.01 -12.93 -24.90
CA GLN A 187 -7.95 -12.96 -26.36
C GLN A 187 -8.72 -14.15 -26.91
N GLN A 188 -8.77 -15.26 -26.17
CA GLN A 188 -9.50 -16.44 -26.62
C GLN A 188 -10.98 -16.40 -26.27
N GLY A 189 -11.43 -15.40 -25.51
CA GLY A 189 -12.82 -15.34 -25.10
C GLY A 189 -13.21 -16.22 -23.94
N LEU A 190 -12.25 -16.73 -23.17
CA LEU A 190 -12.58 -17.44 -21.94
C LEU A 190 -12.88 -16.46 -20.81
N LYS A 191 -13.36 -17.00 -19.69
CA LYS A 191 -13.51 -16.20 -18.48
C LYS A 191 -12.18 -16.11 -17.73
N PRO A 192 -12.01 -15.08 -16.90
CA PRO A 192 -10.90 -15.12 -15.92
C PRO A 192 -11.03 -16.33 -15.02
N PHE A 193 -9.92 -17.02 -14.79
CA PHE A 193 -9.88 -17.97 -13.68
C PHE A 193 -9.96 -17.21 -12.38
N THR A 194 -10.64 -17.82 -11.39
CA THR A 194 -10.58 -17.28 -10.04
C THR A 194 -9.14 -17.33 -9.54
N VAL A 195 -8.74 -16.30 -8.81
CA VAL A 195 -7.47 -16.30 -8.10
C VAL A 195 -7.80 -16.42 -6.60
N MET A 196 -7.41 -17.54 -5.99
CA MET A 196 -7.84 -17.97 -4.65
C MET A 196 -6.62 -17.98 -3.73
N SER A 197 -6.32 -16.83 -3.11
CA SER A 197 -5.21 -16.77 -2.17
C SER A 197 -5.48 -17.64 -0.95
N CYS A 198 -4.50 -18.47 -0.57
CA CYS A 198 -4.61 -19.24 0.66
C CYS A 198 -3.56 -18.86 1.69
N ASP A 199 -3.04 -17.64 1.62
CA ASP A 199 -2.13 -17.16 2.65
C ASP A 199 -2.91 -16.54 3.81
N ASN A 200 -2.24 -16.41 4.97
CA ASN A 200 -2.89 -16.13 6.25
C ASN A 200 -3.07 -14.63 6.54
N MET A 201 -2.89 -13.77 5.55
CA MET A 201 -3.02 -12.34 5.82
C MET A 201 -4.48 -11.89 5.83
N GLN A 202 -4.72 -10.78 6.53
CA GLN A 202 -6.04 -10.15 6.57
C GLN A 202 -6.48 -9.76 5.17
N LYS A 203 -7.77 -10.00 4.88
CA LYS A 203 -8.37 -9.88 3.56
C LYS A 203 -7.41 -10.22 2.43
N ASN A 204 -6.95 -11.46 2.41
CA ASN A 204 -6.00 -11.90 1.40
C ASN A 204 -6.57 -11.79 -0.01
N GLY A 205 -7.89 -11.89 -0.15
CA GLY A 205 -8.49 -11.80 -1.47
C GLY A 205 -8.49 -10.40 -2.04
N SER A 206 -8.81 -9.43 -1.19
CA SER A 206 -8.81 -8.02 -1.62
C SER A 206 -7.42 -7.56 -2.07
N ILE A 207 -6.40 -7.92 -1.30
CA ILE A 207 -5.02 -7.62 -1.68
C ILE A 207 -4.69 -8.20 -3.04
N THR A 208 -4.99 -9.50 -3.23
CA THR A 208 -4.67 -10.15 -4.50
C THR A 208 -5.40 -9.51 -5.65
N ARG A 209 -6.66 -9.13 -5.42
CA ARG A 209 -7.41 -8.42 -6.44
C ARG A 209 -6.67 -7.16 -6.87
N HIS A 210 -6.30 -6.33 -5.89
CA HIS A 210 -5.67 -5.05 -6.20
C HIS A 210 -4.31 -5.22 -6.85
N MET A 211 -3.49 -6.13 -6.33
CA MET A 211 -2.16 -6.34 -6.90
C MET A 211 -2.26 -6.74 -8.36
N LEU A 212 -3.09 -7.74 -8.66
CA LEU A 212 -3.20 -8.17 -10.04
C LEU A 212 -3.92 -7.13 -10.89
N GLU A 213 -4.89 -6.43 -10.30
CA GLU A 213 -5.55 -5.33 -11.00
C GLU A 213 -4.55 -4.23 -11.36
N SER A 214 -3.77 -3.78 -10.37
CA SER A 214 -2.77 -2.71 -10.59
C SER A 214 -1.75 -3.12 -11.65
N PHE A 215 -1.06 -4.24 -11.44
CA PHE A 215 -0.13 -4.74 -12.43
C PHE A 215 -0.76 -4.75 -13.83
N ALA A 216 -2.02 -5.16 -13.91
CA ALA A 216 -2.67 -5.19 -15.22
C ALA A 216 -2.92 -3.78 -15.76
N ARG A 217 -3.23 -2.83 -14.88
CA ARG A 217 -3.48 -1.48 -15.36
C ARG A 217 -2.23 -0.84 -15.93
N LEU A 218 -1.05 -1.31 -15.53
CA LEU A 218 0.19 -0.76 -16.05
C LEU A 218 0.60 -1.39 -17.37
N ARG A 219 -0.19 -2.32 -17.92
CA ARG A 219 0.27 -2.94 -19.16
C ARG A 219 -0.78 -2.92 -20.25
N ASN A 220 -2.06 -2.88 -19.89
CA ASN A 220 -3.15 -2.86 -20.85
C ASN A 220 -4.49 -2.72 -20.14
N PRO A 221 -5.09 -1.53 -20.11
CA PRO A 221 -6.29 -1.32 -19.29
C PRO A 221 -7.53 -2.02 -19.83
N GLU A 222 -7.54 -2.41 -21.11
CA GLU A 222 -8.66 -3.18 -21.63
C GLU A 222 -8.66 -4.60 -21.07
N VAL A 223 -7.52 -5.08 -20.59
CA VAL A 223 -7.44 -6.36 -19.89
C VAL A 223 -7.60 -6.15 -18.39
N ALA A 224 -7.04 -5.07 -17.85
CA ALA A 224 -7.29 -4.74 -16.44
C ALA A 224 -8.77 -4.51 -16.19
N GLU A 225 -9.46 -3.88 -17.13
CA GLU A 225 -10.90 -3.66 -16.97
C GLU A 225 -11.65 -4.99 -16.96
N TRP A 226 -11.25 -5.92 -17.83
CA TRP A 226 -11.88 -7.23 -17.88
C TRP A 226 -11.56 -8.03 -16.62
N ILE A 227 -10.35 -7.89 -16.08
CA ILE A 227 -10.00 -8.50 -14.82
C ILE A 227 -10.85 -7.92 -13.68
N ALA A 228 -10.96 -6.59 -13.63
CA ALA A 228 -11.67 -5.97 -12.51
C ALA A 228 -13.16 -6.30 -12.52
N GLU A 229 -13.73 -6.47 -13.71
CA GLU A 229 -15.17 -6.70 -13.82
C GLU A 229 -15.53 -8.18 -13.81
N GLU A 230 -14.78 -9.00 -14.54
CA GLU A 230 -15.08 -10.42 -14.67
C GLU A 230 -14.23 -11.32 -13.77
N GLY A 231 -13.21 -10.79 -13.10
CA GLY A 231 -12.39 -11.62 -12.26
C GLY A 231 -13.00 -11.91 -10.90
N ALA A 232 -12.42 -12.90 -10.21
CA ALA A 232 -12.85 -13.25 -8.86
C ALA A 232 -11.62 -13.42 -7.99
N PHE A 233 -11.68 -12.85 -6.79
CA PHE A 233 -10.58 -12.88 -5.82
C PHE A 233 -11.16 -13.09 -4.43
N PRO A 234 -11.69 -14.28 -4.15
CA PRO A 234 -12.39 -14.49 -2.88
C PRO A 234 -11.46 -14.42 -1.68
N ASN A 235 -11.96 -13.80 -0.61
CA ASN A 235 -11.27 -13.83 0.67
C ASN A 235 -11.54 -15.16 1.37
N ALA A 236 -10.61 -15.53 2.24
CA ALA A 236 -10.67 -16.82 2.92
C ALA A 236 -9.95 -16.72 4.25
N MET A 237 -10.47 -17.46 5.23
CA MET A 237 -9.73 -17.82 6.44
C MET A 237 -9.29 -19.27 6.28
N VAL A 238 -8.00 -19.52 6.47
CA VAL A 238 -7.44 -20.87 6.33
C VAL A 238 -6.76 -21.23 7.63
N ASP A 239 -6.95 -22.48 8.06
CA ASP A 239 -6.41 -22.91 9.34
C ASP A 239 -6.12 -24.40 9.31
N ARG A 240 -4.83 -24.74 9.45
CA ARG A 240 -4.36 -26.10 9.76
C ARG A 240 -2.87 -26.06 10.10
N ILE A 241 -2.50 -26.46 11.32
CA ILE A 241 -1.12 -26.28 11.75
C ILE A 241 -0.24 -27.31 11.04
N THR A 242 0.76 -26.83 10.30
CA THR A 242 1.59 -27.65 9.41
C THR A 242 3.05 -27.29 9.63
N PRO A 243 3.74 -27.97 10.54
CA PRO A 243 5.18 -27.76 10.70
C PRO A 243 5.96 -28.28 9.48
N GLN A 244 7.25 -27.97 9.48
CA GLN A 244 8.15 -28.49 8.47
C GLN A 244 8.50 -29.94 8.77
N THR A 245 8.86 -30.66 7.72
CA THR A 245 9.22 -32.08 7.84
C THR A 245 10.73 -32.23 7.99
N SER A 246 11.17 -33.03 8.96
CA SER A 246 12.59 -33.32 9.13
C SER A 246 12.94 -34.71 8.64
N GLU A 247 14.25 -35.00 8.59
CA GLU A 247 14.71 -36.33 8.19
C GLU A 247 14.24 -37.40 9.16
N THR A 248 14.09 -37.03 10.43
CA THR A 248 13.58 -37.95 11.45
C THR A 248 12.12 -38.32 11.19
N ASP A 249 11.30 -37.32 10.82
CA ASP A 249 9.94 -37.60 10.38
C ASP A 249 9.91 -38.63 9.25
N LYS A 250 10.84 -38.53 8.30
CA LYS A 250 10.79 -39.45 7.16
C LYS A 250 11.21 -40.85 7.56
N THR A 251 12.22 -40.96 8.43
CA THR A 251 12.61 -42.27 8.95
C THR A 251 11.46 -42.92 9.72
N ALA A 252 10.77 -42.14 10.56
CA ALA A 252 9.66 -42.70 11.33
C ALA A 252 8.54 -43.16 10.42
N LEU A 253 8.30 -42.42 9.33
CA LEU A 253 7.29 -42.83 8.36
C LEU A 253 7.62 -44.19 7.75
N ALA A 254 8.87 -44.40 7.35
CA ALA A 254 9.25 -45.67 6.73
C ALA A 254 9.15 -46.83 7.72
N GLU A 255 9.62 -46.64 8.95
CA GLU A 255 9.62 -47.71 9.94
C GLU A 255 8.22 -48.04 10.41
N LYS A 256 7.37 -47.02 10.61
CA LYS A 256 6.05 -47.30 11.19
C LYS A 256 4.97 -47.58 10.15
N PHE A 257 5.04 -46.99 8.96
CA PHE A 257 4.01 -47.21 7.97
C PHE A 257 4.50 -47.90 6.71
N GLY A 258 5.78 -48.27 6.64
CA GLY A 258 6.32 -48.91 5.45
C GLY A 258 6.38 -48.04 4.22
N ILE A 259 6.57 -46.72 4.36
CA ILE A 259 6.51 -45.81 3.22
C ILE A 259 7.80 -45.00 3.13
N VAL A 260 8.49 -45.12 2.00
CA VAL A 260 9.63 -44.28 1.69
C VAL A 260 9.12 -43.08 0.88
N ASP A 261 9.15 -41.89 1.48
CA ASP A 261 8.61 -40.67 0.90
C ASP A 261 9.70 -39.62 0.97
N SER A 262 10.01 -39.01 -0.17
CA SER A 262 11.04 -37.97 -0.20
C SER A 262 10.63 -36.73 0.58
N TRP A 263 9.34 -36.38 0.59
CA TRP A 263 8.88 -35.15 1.24
C TRP A 263 7.44 -35.34 1.70
N PRO A 264 7.24 -36.13 2.74
CA PRO A 264 5.91 -36.20 3.34
C PRO A 264 5.62 -34.89 4.07
N VAL A 265 4.35 -34.67 4.39
CA VAL A 265 3.91 -33.47 5.10
C VAL A 265 3.40 -33.88 6.46
N VAL A 266 3.75 -33.09 7.50
CA VAL A 266 3.37 -33.36 8.88
C VAL A 266 2.37 -32.28 9.30
N THR A 267 1.25 -32.71 9.90
CA THR A 267 0.18 -31.77 10.20
C THR A 267 -0.65 -32.33 11.36
N GLU A 268 -1.56 -31.49 11.86
CA GLU A 268 -2.56 -31.82 12.87
C GLU A 268 -3.83 -32.33 12.19
N PRO A 269 -4.70 -33.03 12.92
CA PRO A 269 -5.95 -33.49 12.30
C PRO A 269 -6.96 -32.36 12.04
N PHE A 270 -6.88 -31.25 12.78
CA PHE A 270 -7.83 -30.15 12.58
C PHE A 270 -7.58 -29.45 11.26
N THR A 271 -8.67 -29.09 10.58
CA THR A 271 -8.56 -28.22 9.42
C THR A 271 -9.82 -27.36 9.34
N GLN A 272 -9.66 -26.16 8.78
CA GLN A 272 -10.80 -25.27 8.68
C GLN A 272 -10.58 -24.34 7.51
N TRP A 273 -11.67 -23.99 6.86
CA TRP A 273 -11.60 -23.19 5.64
C TRP A 273 -12.91 -22.42 5.52
N VAL A 274 -12.82 -21.11 5.59
CA VAL A 274 -13.97 -20.24 5.34
C VAL A 274 -13.64 -19.42 4.10
N ILE A 275 -14.44 -19.56 3.06
CA ILE A 275 -14.16 -18.84 1.83
C ILE A 275 -15.45 -18.19 1.34
N GLU A 276 -15.33 -16.98 0.80
CA GLU A 276 -16.49 -16.30 0.25
C GLU A 276 -16.76 -16.82 -1.15
N ASP A 277 -18.05 -16.89 -1.48
CA ASP A 277 -18.48 -17.50 -2.74
C ASP A 277 -18.34 -16.48 -3.87
N GLN A 278 -17.10 -16.26 -4.28
CA GLN A 278 -16.78 -15.35 -5.37
C GLN A 278 -15.84 -16.09 -6.31
N PHE A 279 -16.40 -16.65 -7.38
CA PHE A 279 -15.65 -17.43 -8.35
C PHE A 279 -16.12 -17.04 -9.75
N SER A 280 -15.19 -17.01 -10.70
CA SER A 280 -15.47 -16.44 -12.01
C SER A 280 -15.59 -17.47 -13.12
N ASP A 281 -15.22 -18.73 -12.86
CA ASP A 281 -15.21 -19.73 -13.92
C ASP A 281 -15.51 -21.10 -13.34
N GLY A 282 -16.38 -21.15 -12.33
CA GLY A 282 -16.81 -22.40 -11.72
C GLY A 282 -16.03 -22.73 -10.46
N ARG A 283 -16.55 -23.71 -9.73
CA ARG A 283 -15.89 -24.21 -8.53
C ARG A 283 -16.46 -25.57 -8.20
N PRO A 284 -15.67 -26.43 -7.54
CA PRO A 284 -16.22 -27.67 -7.06
C PRO A 284 -17.02 -27.41 -5.80
N PRO A 285 -17.89 -28.34 -5.42
CA PRO A 285 -18.70 -28.15 -4.21
C PRO A 285 -17.91 -28.32 -2.91
N PHE A 286 -17.13 -27.30 -2.57
CA PHE A 286 -16.28 -27.35 -1.40
C PHE A 286 -17.04 -27.70 -0.12
N GLU A 287 -18.33 -27.32 -0.04
CA GLU A 287 -19.03 -27.49 1.22
C GLU A 287 -19.37 -28.94 1.52
N LYS A 288 -19.21 -29.83 0.55
CA LYS A 288 -19.42 -31.25 0.83
C LYS A 288 -18.28 -31.88 1.60
N VAL A 289 -17.17 -31.18 1.80
CA VAL A 289 -16.02 -31.73 2.51
C VAL A 289 -15.58 -30.77 3.61
N GLY A 290 -16.54 -30.13 4.26
CA GLY A 290 -16.30 -29.33 5.46
C GLY A 290 -15.90 -27.88 5.26
N VAL A 291 -15.97 -27.35 4.04
CA VAL A 291 -15.60 -25.96 3.79
C VAL A 291 -16.81 -25.06 4.04
N GLN A 292 -16.59 -23.96 4.74
CA GLN A 292 -17.65 -23.00 5.04
C GLN A 292 -17.63 -21.97 3.93
N VAL A 293 -18.58 -22.05 3.02
CA VAL A 293 -18.68 -21.09 1.94
C VAL A 293 -19.68 -20.04 2.38
N VAL A 294 -19.24 -18.78 2.44
CA VAL A 294 -20.04 -17.67 2.94
C VAL A 294 -20.22 -16.63 1.83
N LYS A 295 -21.12 -15.69 2.08
CA LYS A 295 -21.35 -14.55 1.18
C LYS A 295 -20.05 -13.81 0.82
N HIS A 298 -17.50 -9.66 4.35
CA HIS A 298 -17.57 -9.26 5.76
C HIS A 298 -17.48 -10.43 6.73
N ALA A 299 -18.15 -11.55 6.40
CA ALA A 299 -18.10 -12.72 7.28
C ALA A 299 -16.69 -13.29 7.39
N VAL A 300 -15.95 -13.31 6.27
CA VAL A 300 -14.60 -13.87 6.26
C VAL A 300 -13.69 -13.08 7.18
N GLU A 301 -13.78 -11.76 7.10
CA GLU A 301 -12.92 -10.91 7.91
C GLU A 301 -13.10 -11.20 9.41
N GLN A 302 -14.31 -11.57 9.84
CA GLN A 302 -14.52 -11.84 11.25
C GLN A 302 -13.88 -13.16 11.66
N PHE A 303 -14.03 -14.18 10.82
CA PHE A 303 -13.36 -15.46 11.08
C PHE A 303 -11.85 -15.26 11.13
N GLU A 304 -11.32 -14.50 10.17
CA GLU A 304 -9.88 -14.22 10.12
C GLU A 304 -9.38 -13.52 11.38
N LYS A 305 -10.18 -12.58 11.90
CA LYS A 305 -9.76 -11.87 13.10
C LYS A 305 -9.78 -12.80 14.32
N HIS A 306 -10.80 -13.66 14.42
CA HIS A 306 -10.79 -14.72 15.43
C HIS A 306 -9.50 -15.51 15.39
N LYS A 307 -9.09 -15.91 14.19
CA LYS A 307 -7.91 -16.76 14.06
C LYS A 307 -6.63 -16.00 14.40
N LEU A 308 -6.42 -14.84 13.78
CA LEU A 308 -5.19 -14.08 14.00
C LEU A 308 -5.00 -13.71 15.48
N ARG A 309 -6.07 -13.31 16.15
CA ARG A 309 -5.90 -12.77 17.50
C ARG A 309 -5.85 -13.86 18.55
N LEU A 310 -6.63 -14.93 18.41
CA LEU A 310 -6.66 -16.01 19.40
C LEU A 310 -5.76 -17.19 19.06
N LEU A 311 -5.71 -17.62 17.80
CA LEU A 311 -4.77 -18.71 17.51
C LEU A 311 -3.35 -18.17 17.39
N ASN A 312 -3.09 -17.34 16.38
CA ASN A 312 -1.74 -16.83 16.21
C ASN A 312 -1.29 -15.99 17.42
N GLY A 313 -2.22 -15.25 18.04
CA GLY A 313 -1.88 -14.58 19.29
C GLY A 313 -1.43 -15.53 20.39
N SER A 314 -2.14 -16.64 20.55
CA SER A 314 -1.79 -17.57 21.62
C SER A 314 -0.50 -18.31 21.31
N HIS A 315 -0.27 -18.62 20.03
CA HIS A 315 1.04 -19.09 19.62
C HIS A 315 2.14 -18.14 20.06
N SER A 316 1.92 -16.81 19.91
CA SER A 316 2.93 -15.86 20.37
C SER A 316 3.10 -15.94 21.87
N ALA A 317 1.99 -16.11 22.60
CA ALA A 317 2.03 -16.24 24.06
C ALA A 317 2.79 -17.49 24.48
N LEU A 318 2.65 -18.56 23.72
CA LEU A 318 3.40 -19.77 24.04
C LEU A 318 4.85 -19.65 23.60
N GLY A 319 5.11 -19.01 22.47
CA GLY A 319 6.43 -19.07 21.86
C GLY A 319 7.50 -18.26 22.55
N TYR A 320 7.39 -16.94 22.58
CA TYR A 320 8.44 -16.13 23.21
C TYR A 320 8.58 -16.42 24.70
N PRO A 321 7.53 -16.42 25.52
CA PRO A 321 7.72 -16.87 26.92
C PRO A 321 8.15 -18.32 27.04
N GLY A 322 7.64 -19.21 26.18
CA GLY A 322 8.07 -20.60 26.25
C GLY A 322 9.56 -20.76 26.02
N GLN A 323 10.08 -20.10 24.98
CA GLN A 323 11.51 -20.16 24.74
C GLN A 323 12.30 -19.57 25.91
N LEU A 324 11.87 -18.41 26.43
CA LEU A 324 12.61 -17.84 27.54
C LEU A 324 12.60 -18.76 28.76
N ALA A 325 11.53 -19.54 28.95
CA ALA A 325 11.41 -20.38 30.14
C ALA A 325 12.16 -21.70 30.03
N GLY A 326 12.67 -22.05 28.85
CA GLY A 326 13.46 -23.25 28.68
C GLY A 326 12.75 -24.40 27.98
N PHE A 327 11.54 -24.21 27.49
CA PHE A 327 10.79 -25.27 26.84
C PHE A 327 11.26 -25.46 25.39
N GLN A 328 10.89 -26.61 24.82
CA GLN A 328 11.28 -26.93 23.46
C GLN A 328 10.11 -26.96 22.49
N TYR A 329 8.94 -27.42 22.93
CA TYR A 329 7.79 -27.67 22.07
C TYR A 329 6.55 -26.93 22.57
N VAL A 330 5.66 -26.62 21.62
CA VAL A 330 4.36 -26.05 21.91
C VAL A 330 3.64 -26.82 23.02
N HIS A 331 3.60 -28.16 22.91
CA HIS A 331 2.76 -28.89 23.87
C HIS A 331 3.35 -28.88 25.28
N GLU A 332 4.67 -28.80 25.42
CA GLU A 332 5.29 -28.65 26.74
C GLU A 332 4.84 -27.34 27.41
N VAL A 333 4.87 -26.25 26.66
CA VAL A 333 4.41 -24.98 27.21
C VAL A 333 2.94 -25.08 27.61
N MET A 334 2.11 -25.58 26.69
CA MET A 334 0.67 -25.66 26.94
C MET A 334 0.34 -26.63 28.06
N ALA A 335 1.16 -27.67 28.29
CA ALA A 335 0.90 -28.57 29.40
C ALA A 335 1.15 -27.91 30.75
N ASN A 336 2.00 -26.91 30.80
CA ASN A 336 2.31 -26.26 32.06
C ASN A 336 1.06 -25.59 32.63
N PRO A 337 0.71 -25.85 33.89
CA PRO A 337 -0.55 -25.26 34.43
C PRO A 337 -0.58 -23.74 34.39
N LEU A 338 0.54 -23.07 34.65
CA LEU A 338 0.54 -21.60 34.66
C LEU A 338 0.29 -21.07 33.25
N PHE A 339 0.97 -21.65 32.26
CA PHE A 339 0.77 -21.22 30.89
C PHE A 339 -0.68 -21.44 30.45
N ARG A 340 -1.27 -22.58 30.82
CA ARG A 340 -2.65 -22.83 30.44
C ARG A 340 -3.59 -21.77 30.99
N LYS A 341 -3.41 -21.42 32.27
CA LYS A 341 -4.26 -20.39 32.84
C LYS A 341 -3.97 -19.03 32.21
N PHE A 342 -2.70 -18.72 31.98
CA PHE A 342 -2.34 -17.44 31.39
C PHE A 342 -2.96 -17.30 30.01
N VAL A 343 -2.80 -18.34 29.19
CA VAL A 343 -3.27 -18.30 27.81
C VAL A 343 -4.79 -18.25 27.77
N TRP A 344 -5.45 -19.09 28.57
CA TRP A 344 -6.91 -19.07 28.62
C TRP A 344 -7.42 -17.68 29.05
N GLN A 345 -6.85 -17.12 30.10
CA GLN A 345 -7.37 -15.85 30.59
C GLN A 345 -7.07 -14.71 29.62
N MET A 346 -5.91 -14.76 28.95
CA MET A 346 -5.63 -13.77 27.92
C MET A 346 -6.68 -13.83 26.82
N MET A 347 -6.96 -15.03 26.30
CA MET A 347 -8.02 -15.23 25.32
C MET A 347 -9.35 -14.69 25.83
N GLN A 348 -9.78 -15.14 27.00
CA GLN A 348 -11.10 -14.78 27.52
C GLN A 348 -11.19 -13.30 27.91
N GLU A 349 -10.19 -12.78 28.62
CA GLU A 349 -10.39 -11.49 29.27
C GLU A 349 -9.93 -10.32 28.40
N GLU A 350 -8.98 -10.56 27.52
CA GLU A 350 -8.31 -9.50 26.80
C GLU A 350 -8.57 -9.53 25.30
N VAL A 351 -8.56 -10.69 24.66
CA VAL A 351 -8.82 -10.75 23.23
C VAL A 351 -10.31 -10.89 22.94
N LYS A 352 -10.99 -11.85 23.59
CA LYS A 352 -12.40 -12.09 23.30
C LYS A 352 -13.27 -10.83 23.27
N PRO A 353 -13.14 -9.88 24.20
CA PRO A 353 -13.97 -8.65 24.11
C PRO A 353 -13.69 -7.79 22.89
N LEU A 354 -12.57 -7.99 22.20
CA LEU A 354 -12.27 -7.23 21.01
C LEU A 354 -12.84 -7.84 19.73
N LEU A 355 -13.36 -9.08 19.80
CA LEU A 355 -13.70 -9.78 18.57
C LEU A 355 -15.17 -9.58 18.19
N PRO A 356 -15.47 -9.52 16.90
CA PRO A 356 -16.88 -9.53 16.48
C PRO A 356 -17.52 -10.87 16.83
N GLU A 357 -18.81 -10.81 17.13
CA GLU A 357 -19.59 -12.02 17.31
C GLU A 357 -20.05 -12.52 15.94
N ILE A 358 -19.73 -13.75 15.63
CA ILE A 358 -20.16 -14.39 14.39
C ILE A 358 -21.38 -15.25 14.71
N PRO A 359 -22.49 -15.08 13.99
CA PRO A 359 -23.68 -15.92 14.24
C PRO A 359 -23.32 -17.39 14.14
N GLY A 360 -23.78 -18.15 15.12
CA GLY A 360 -23.53 -19.56 15.14
C GLY A 360 -22.16 -19.96 15.59
N VAL A 361 -21.29 -18.99 15.92
CA VAL A 361 -19.96 -19.28 16.45
C VAL A 361 -19.91 -18.88 17.91
N ASP A 362 -19.42 -19.78 18.75
CA ASP A 362 -19.21 -19.48 20.17
C ASP A 362 -17.70 -19.37 20.41
N ILE A 363 -17.25 -18.16 20.76
CA ILE A 363 -15.82 -17.91 20.88
C ILE A 363 -15.21 -18.73 22.02
N ASP A 364 -15.97 -18.91 23.11
CA ASP A 364 -15.51 -19.76 24.21
C ASP A 364 -15.20 -21.17 23.72
N GLU A 365 -16.12 -21.74 22.92
CA GLU A 365 -15.88 -23.08 22.38
C GLU A 365 -14.65 -23.09 21.49
N TYR A 366 -14.48 -22.05 20.67
CA TYR A 366 -13.29 -21.96 19.83
C TYR A 366 -12.01 -21.89 20.66
N CYS A 367 -12.05 -21.22 21.82
CA CYS A 367 -10.87 -21.18 22.69
C CYS A 367 -10.56 -22.56 23.29
N ASN A 368 -11.58 -23.28 23.79
CA ASN A 368 -11.36 -24.65 24.22
C ASN A 368 -10.68 -25.47 23.13
N THR A 369 -11.14 -25.34 21.88
CA THR A 369 -10.57 -26.13 20.78
C THR A 369 -9.13 -25.72 20.47
N LEU A 370 -8.79 -24.43 20.60
CA LEU A 370 -7.41 -24.03 20.38
C LEU A 370 -6.50 -24.61 21.45
N ILE A 371 -6.95 -24.60 22.71
CA ILE A 371 -6.18 -25.21 23.80
C ILE A 371 -5.91 -26.68 23.51
N GLU A 372 -6.96 -27.42 23.11
CA GLU A 372 -6.75 -28.83 22.73
C GLU A 372 -5.67 -28.94 21.67
N ARG A 373 -5.83 -28.20 20.56
CA ARG A 373 -4.90 -28.29 19.45
C ARG A 373 -3.46 -28.00 19.90
N PHE A 374 -3.27 -26.95 20.71
CA PHE A 374 -1.93 -26.65 21.23
C PHE A 374 -1.40 -27.74 22.15
N THR A 375 -2.30 -28.48 22.81
CA THR A 375 -1.93 -29.52 23.76
C THR A 375 -1.40 -30.78 23.07
N ASN A 376 -1.92 -31.11 21.87
CA ASN A 376 -1.44 -32.19 20.98
C ASN A 376 0.03 -32.52 21.18
N PRO A 377 0.36 -33.61 21.87
CA PRO A 377 1.77 -33.93 22.13
C PRO A 377 2.46 -34.70 21.01
N THR A 378 1.74 -35.14 19.98
CA THR A 378 2.40 -35.96 18.98
C THR A 378 3.02 -35.13 17.88
N ILE A 379 2.47 -33.95 17.61
CA ILE A 379 2.92 -33.12 16.50
C ILE A 379 4.31 -32.51 16.75
N MET A 380 4.73 -32.40 18.01
CA MET A 380 6.09 -32.01 18.37
C MET A 380 6.50 -30.71 17.68
N ASP A 381 5.68 -29.68 17.88
CA ASP A 381 5.88 -28.43 17.17
C ASP A 381 6.93 -27.61 17.93
N GLN A 382 8.08 -27.39 17.28
CA GLN A 382 9.23 -26.78 17.92
C GLN A 382 9.01 -25.29 18.14
N LEU A 383 9.27 -24.81 19.36
CA LEU A 383 9.11 -23.37 19.63
C LEU A 383 9.89 -22.48 18.67
N PRO A 384 11.11 -22.81 18.24
CA PRO A 384 11.78 -21.94 17.26
C PRO A 384 10.97 -21.69 15.99
N ARG A 385 10.16 -22.65 15.51
CA ARG A 385 9.34 -22.42 14.32
C ARG A 385 8.27 -21.37 14.60
N ILE A 386 7.63 -21.45 15.77
CA ILE A 386 6.61 -20.47 16.15
C ILE A 386 7.21 -19.08 16.23
N CYS A 387 8.42 -18.98 16.77
CA CYS A 387 9.06 -17.70 17.11
C CYS A 387 9.82 -17.05 15.95
N LEU A 388 10.06 -17.80 14.88
CA LEU A 388 10.79 -17.31 13.72
C LEU A 388 10.20 -16.00 13.17
N ASN A 389 11.08 -15.04 12.86
CA ASN A 389 10.67 -13.80 12.19
C ASN A 389 9.57 -13.08 12.98
N ALA A 390 9.83 -12.89 14.28
CA ALA A 390 8.81 -12.31 15.16
C ALA A 390 8.41 -10.90 14.75
N SER A 391 9.30 -10.17 14.07
CA SER A 391 8.94 -8.82 13.68
C SER A 391 7.86 -8.81 12.62
N GLY A 392 7.58 -9.95 12.00
CA GLY A 392 6.47 -10.09 11.09
C GLY A 392 5.24 -10.65 11.78
N LYS A 393 5.38 -11.06 13.05
CA LYS A 393 4.30 -11.75 13.73
C LYS A 393 3.70 -10.97 14.90
N ILE A 394 4.53 -10.48 15.81
CA ILE A 394 4.00 -9.74 16.95
C ILE A 394 3.17 -8.55 16.49
N PRO A 395 3.61 -7.73 15.52
CA PRO A 395 2.76 -6.61 15.07
C PRO A 395 1.50 -7.01 14.31
N GLN A 396 1.31 -8.27 13.95
CA GLN A 396 0.00 -8.58 13.38
C GLN A 396 -0.88 -9.40 14.29
N PHE A 397 -0.31 -10.14 15.25
CA PHE A 397 -1.09 -11.02 16.10
C PHE A 397 -1.35 -10.45 17.50
N ILE A 398 -0.45 -9.63 18.02
CA ILE A 398 -0.51 -9.18 19.40
C ILE A 398 -0.71 -7.68 19.49
N MET A 399 0.14 -6.90 18.81
CA MET A 399 0.04 -5.44 18.89
C MET A 399 -1.31 -4.89 18.46
N PRO A 400 -1.96 -5.37 17.40
CA PRO A 400 -3.30 -4.82 17.09
C PRO A 400 -4.30 -4.99 18.21
N SER A 401 -4.23 -6.05 19.02
CA SER A 401 -5.13 -6.19 20.15
C SER A 401 -4.78 -5.19 21.25
N ILE A 402 -3.48 -4.97 21.46
CA ILE A 402 -3.05 -3.93 22.40
C ILE A 402 -3.54 -2.57 21.94
N ALA A 403 -3.44 -2.29 20.64
CA ALA A 403 -3.85 -0.97 20.14
C ALA A 403 -5.36 -0.78 20.29
N GLU A 404 -6.14 -1.80 19.95
CA GLU A 404 -7.58 -1.72 20.16
C GLU A 404 -7.93 -1.60 21.63
N ALA A 405 -7.16 -2.24 22.52
CA ALA A 405 -7.41 -2.07 23.95
C ALA A 405 -7.06 -0.65 24.42
N ILE A 406 -6.08 0.00 23.79
CA ILE A 406 -5.77 1.40 24.08
C ILE A 406 -6.94 2.29 23.70
N TRP A 407 -7.46 2.13 22.47
CA TRP A 407 -8.54 2.97 21.98
C TRP A 407 -9.83 2.78 22.77
N GLU A 408 -10.11 1.58 23.27
CA GLU A 408 -11.31 1.37 24.08
C GLU A 408 -11.04 1.29 25.58
N THR A 409 -9.80 1.54 26.02
CA THR A 409 -9.37 1.34 27.41
C THR A 409 -9.84 -0.01 27.93
N GLY A 410 -9.35 -1.08 27.29
CA GLY A 410 -9.64 -2.42 27.69
C GLY A 410 -8.47 -3.08 28.40
N PRO A 411 -8.74 -4.20 29.09
CA PRO A 411 -7.64 -4.88 29.79
C PRO A 411 -6.66 -5.46 28.78
N PHE A 412 -5.37 -5.38 29.12
CA PHE A 412 -4.35 -5.84 28.18
C PHE A 412 -3.04 -6.25 28.86
N ARG A 413 -3.02 -6.44 30.18
CA ARG A 413 -1.80 -6.83 30.90
C ARG A 413 -1.14 -8.05 30.32
N ARG A 414 -1.93 -9.08 30.00
CA ARG A 414 -1.30 -10.30 29.52
C ARG A 414 -0.76 -10.10 28.11
N LEU A 415 -1.49 -9.36 27.28
CA LEU A 415 -0.96 -8.99 25.96
C LEU A 415 0.35 -8.22 26.08
N CYS A 416 0.45 -7.30 27.05
CA CYS A 416 1.70 -6.57 27.25
C CYS A 416 2.82 -7.50 27.73
N PHE A 417 2.47 -8.48 28.58
CA PHE A 417 3.43 -9.50 28.98
C PHE A 417 4.02 -10.20 27.77
N VAL A 418 3.17 -10.56 26.80
CA VAL A 418 3.66 -11.28 25.62
C VAL A 418 4.57 -10.36 24.82
N ALA A 419 4.15 -9.10 24.63
CA ALA A 419 4.97 -8.12 23.93
C ALA A 419 6.30 -7.93 24.64
N ALA A 420 6.25 -7.78 25.96
CA ALA A 420 7.47 -7.66 26.75
C ALA A 420 8.34 -8.90 26.62
N ALA A 421 7.73 -10.09 26.64
CA ALA A 421 8.54 -11.30 26.55
C ALA A 421 9.27 -11.37 25.21
N TRP A 422 8.64 -10.90 24.12
CA TRP A 422 9.36 -10.85 22.85
C TRP A 422 10.45 -9.79 22.86
N PHE A 423 10.16 -8.61 23.43
CA PHE A 423 11.20 -7.59 23.58
C PHE A 423 12.39 -8.13 24.32
N HIS A 424 12.15 -8.98 25.31
CA HIS A 424 13.25 -9.62 26.01
C HIS A 424 13.85 -10.77 25.17
N TYR A 425 12.99 -11.54 24.48
CA TYR A 425 13.46 -12.64 23.62
C TYR A 425 14.51 -12.14 22.63
N ILE A 426 14.36 -10.89 22.17
CA ILE A 426 15.25 -10.28 21.17
C ILE A 426 16.70 -10.33 21.61
N LYS A 427 16.96 -10.27 22.92
CA LYS A 427 18.34 -10.34 23.40
C LYS A 427 18.97 -11.73 23.23
N GLY A 428 18.16 -12.78 23.01
CA GLY A 428 18.73 -14.09 22.68
C GLY A 428 19.29 -14.92 23.84
N VAL A 429 18.83 -14.71 25.07
CA VAL A 429 19.33 -15.43 26.23
C VAL A 429 18.13 -15.84 27.06
N ASP A 430 17.97 -17.13 27.32
CA ASP A 430 16.81 -17.61 28.06
C ASP A 430 17.00 -17.38 29.56
N ASP A 431 15.95 -17.70 30.34
CA ASP A 431 15.97 -17.38 31.77
C ASP A 431 17.03 -18.16 32.55
N ARG A 432 17.53 -19.27 32.03
CA ARG A 432 18.64 -19.98 32.66
C ARG A 432 20.00 -19.47 32.19
N GLY A 433 20.06 -18.37 31.44
CA GLY A 433 21.32 -17.84 31.01
C GLY A 433 21.89 -18.46 29.74
N LYS A 434 21.13 -19.33 29.05
CA LYS A 434 21.61 -20.02 27.85
C LYS A 434 21.22 -19.26 26.58
N PRO A 435 22.18 -18.94 25.70
CA PRO A 435 21.83 -18.26 24.45
C PRO A 435 20.95 -19.12 23.56
N PHE A 436 20.19 -18.44 22.71
CA PHE A 436 19.44 -19.12 21.66
C PHE A 436 19.47 -18.25 20.42
N GLU A 437 19.26 -18.89 19.28
CA GLU A 437 19.31 -18.22 18.00
C GLU A 437 18.05 -17.39 17.79
N VAL A 438 18.23 -16.10 17.50
CA VAL A 438 17.15 -15.20 17.11
C VAL A 438 17.15 -15.12 15.59
N VAL A 439 16.05 -15.53 14.96
CA VAL A 439 15.90 -15.53 13.51
C VAL A 439 14.86 -14.48 13.13
N ASP A 440 15.28 -13.49 12.40
CA ASP A 440 14.44 -12.34 12.14
C ASP A 440 15.15 -11.50 11.09
N PRO A 441 14.47 -11.10 10.01
CA PRO A 441 15.09 -10.16 9.05
C PRO A 441 15.54 -8.85 9.69
N MET A 442 14.98 -8.45 10.83
CA MET A 442 15.38 -7.21 11.48
C MET A 442 16.26 -7.45 12.70
N ARG A 443 16.91 -8.61 12.79
CA ARG A 443 17.60 -8.99 14.01
C ARG A 443 18.58 -7.92 14.47
N GLU A 444 19.39 -7.38 13.54
CA GLU A 444 20.46 -6.47 13.94
C GLU A 444 19.91 -5.14 14.43
N GLU A 445 18.88 -4.60 13.75
CA GLU A 445 18.24 -3.41 14.27
C GLU A 445 17.48 -3.69 15.56
N LEU A 446 16.84 -4.86 15.66
CA LEU A 446 16.09 -5.17 16.88
C LEU A 446 17.03 -5.35 18.07
N GLN A 447 18.16 -6.05 17.87
CA GLN A 447 19.08 -6.31 18.96
C GLN A 447 19.84 -5.05 19.39
N ALA A 448 20.05 -4.12 18.45
CA ALA A 448 20.68 -2.84 18.80
C ALA A 448 19.77 -1.99 19.67
N LYS A 449 18.49 -1.86 19.28
CA LYS A 449 17.58 -1.06 20.08
C LYS A 449 17.27 -1.70 21.42
N ALA A 450 17.24 -3.04 21.47
CA ALA A 450 17.01 -3.74 22.75
C ALA A 450 18.19 -3.57 23.68
N ARG A 451 19.41 -3.71 23.16
CA ARG A 451 20.59 -3.42 23.96
C ARG A 451 20.61 -1.95 24.39
N ALA A 452 20.23 -1.04 23.48
CA ALA A 452 20.16 0.37 23.85
C ALA A 452 19.08 0.63 24.91
N GLY A 453 17.93 -0.04 24.81
CA GLY A 453 16.85 0.27 25.73
C GLY A 453 16.95 -0.39 27.10
N GLY A 454 17.81 -1.39 27.25
CA GLY A 454 17.91 -2.11 28.50
C GLY A 454 16.59 -2.80 28.78
N ASN A 455 15.95 -2.42 29.89
CA ASN A 455 14.61 -2.83 30.24
C ASN A 455 13.59 -1.72 30.02
N ASP A 456 14.00 -0.61 29.41
CA ASP A 456 12.87 0.24 29.06
C ASP A 456 12.45 -0.06 27.61
N PRO A 457 11.15 -0.05 27.32
CA PRO A 457 10.69 -0.41 25.97
C PRO A 457 10.79 0.69 24.94
N SER A 458 11.11 1.93 25.34
CA SER A 458 10.96 3.05 24.40
C SER A 458 11.90 2.95 23.22
N GLU A 459 13.08 2.34 23.39
CA GLU A 459 14.00 2.23 22.26
C GLU A 459 13.43 1.29 21.19
N LEU A 460 12.95 0.11 21.59
CA LEU A 460 12.29 -0.77 20.64
C LEU A 460 11.05 -0.12 20.05
N LEU A 461 10.22 0.51 20.90
CA LEU A 461 9.01 1.16 20.42
C LEU A 461 9.30 2.30 19.46
N SER A 462 10.53 2.79 19.41
CA SER A 462 10.85 3.88 18.49
C SER A 462 10.97 3.42 17.05
N ILE A 463 10.89 2.11 16.79
CA ILE A 463 11.00 1.57 15.43
C ILE A 463 9.67 1.82 14.73
N LYS A 464 9.61 2.86 13.90
CA LYS A 464 8.34 3.33 13.34
C LYS A 464 7.74 2.34 12.35
N SER A 465 8.58 1.59 11.65
CA SER A 465 8.06 0.61 10.72
C SER A 465 7.34 -0.53 11.42
N LEU A 466 7.54 -0.68 12.73
CA LEU A 466 6.94 -1.77 13.48
C LEU A 466 5.80 -1.36 14.38
N PHE A 467 5.85 -0.15 14.94
CA PHE A 467 4.94 0.25 16.01
C PHE A 467 4.44 1.67 15.73
N GLY A 468 3.16 1.90 16.01
CA GLY A 468 2.53 3.17 15.71
C GLY A 468 2.60 4.18 16.83
N ASP A 469 2.09 5.37 16.54
CA ASP A 469 2.11 6.47 17.49
C ASP A 469 1.30 6.14 18.74
N ASP A 470 0.20 5.42 18.59
CA ASP A 470 -0.66 5.12 19.73
C ASP A 470 0.12 4.36 20.80
N LEU A 471 1.05 3.50 20.38
CA LEU A 471 1.84 2.76 21.34
C LEU A 471 2.85 3.66 22.06
N ARG A 472 3.55 4.52 21.31
CA ARG A 472 4.55 5.34 21.98
C ARG A 472 3.93 6.32 22.96
N ASN A 473 2.65 6.60 22.85
CA ASN A 473 2.08 7.74 23.55
C ASN A 473 0.97 7.38 24.52
N ASP A 474 0.68 6.10 24.71
CA ASP A 474 -0.28 5.70 25.72
C ASP A 474 0.44 5.43 27.03
N GLU A 475 0.11 6.22 28.07
CA GLU A 475 0.83 6.11 29.34
C GLU A 475 0.56 4.78 30.03
N ARG A 476 -0.69 4.30 30.00
CA ARG A 476 -0.98 3.02 30.64
C ARG A 476 -0.16 1.91 29.98
N PHE A 477 -0.16 1.87 28.65
CA PHE A 477 0.65 0.87 27.94
C PHE A 477 2.11 0.98 28.34
N LEU A 478 2.66 2.21 28.30
CA LEU A 478 4.08 2.38 28.60
C LEU A 478 4.40 1.83 29.99
N ARG A 479 3.56 2.13 30.98
CA ARG A 479 3.80 1.63 32.33
C ARG A 479 3.65 0.11 32.39
N GLU A 480 2.57 -0.41 31.80
CA GLU A 480 2.30 -1.85 31.86
C GLU A 480 3.44 -2.65 31.23
N ILE A 481 3.78 -2.35 29.98
CA ILE A 481 4.83 -3.15 29.36
C ILE A 481 6.16 -2.94 30.07
N THR A 482 6.40 -1.76 30.66
CA THR A 482 7.62 -1.55 31.44
C THR A 482 7.69 -2.51 32.63
N THR A 483 6.61 -2.59 33.40
CA THR A 483 6.56 -3.54 34.51
C THR A 483 6.83 -4.97 34.05
N ALA A 484 6.17 -5.40 32.96
CA ALA A 484 6.36 -6.76 32.46
C ALA A 484 7.82 -7.01 32.07
N MET A 485 8.43 -6.06 31.36
CA MET A 485 9.82 -6.21 30.91
C MET A 485 10.79 -6.30 32.10
N ASN A 486 10.67 -5.36 33.04
CA ASN A 486 11.53 -5.35 34.23
C ASN A 486 11.41 -6.68 34.97
N ASP A 487 10.18 -7.17 35.15
CA ASP A 487 9.95 -8.37 35.94
C ASP A 487 10.47 -9.62 35.22
N ILE A 488 10.12 -9.75 33.95
CA ILE A 488 10.66 -10.88 33.18
C ILE A 488 12.19 -10.85 33.17
N ALA A 489 12.76 -9.67 32.94
CA ALA A 489 14.23 -9.57 32.87
C ALA A 489 14.88 -9.93 34.19
N ARG A 490 14.24 -9.61 35.31
CA ARG A 490 14.82 -9.86 36.63
C ARG A 490 14.56 -11.27 37.14
N ASP A 491 13.31 -11.72 37.04
CA ASP A 491 12.90 -12.95 37.66
C ASP A 491 12.62 -14.07 36.67
N GLY A 492 12.58 -13.78 35.37
CA GLY A 492 12.27 -14.78 34.37
C GLY A 492 10.77 -15.00 34.26
N ILE A 493 10.42 -15.86 33.29
CA ILE A 493 9.03 -16.05 32.91
C ILE A 493 8.25 -16.78 34.00
N MET A 494 8.77 -17.92 34.47
CA MET A 494 7.95 -18.80 35.31
C MET A 494 7.64 -18.13 36.65
N LYS A 495 8.58 -17.39 37.20
CA LYS A 495 8.32 -16.73 38.47
C LYS A 495 7.38 -15.54 38.28
N THR A 496 7.43 -14.88 37.12
CA THR A 496 6.57 -13.72 36.89
C THR A 496 5.15 -14.11 36.50
N LEU A 497 4.95 -15.24 35.80
CA LEU A 497 3.62 -15.63 35.33
C LEU A 497 2.53 -15.61 36.40
N PRO A 498 2.76 -16.08 37.63
CA PRO A 498 1.67 -16.03 38.62
C PRO A 498 1.06 -14.66 38.78
N LYS A 499 1.79 -13.58 38.47
CA LYS A 499 1.21 -12.26 38.69
C LYS A 499 0.25 -11.85 37.58
N TYR A 500 0.20 -12.61 36.48
CA TYR A 500 -0.69 -12.34 35.35
C TYR A 500 -1.82 -13.36 35.27
N ILE A 501 -2.06 -14.10 36.34
CA ILE A 501 -3.03 -15.17 36.39
C ILE A 501 -3.93 -14.90 37.58
N ASN A 502 -5.22 -14.69 37.34
CA ASN A 502 -6.14 -14.47 38.44
C ASN A 502 -6.84 -15.79 38.81
N GLY A 503 -7.73 -15.72 39.80
CA GLY A 503 -8.35 -16.92 40.32
C GLY A 503 -7.37 -17.76 41.12
N SER A 504 -7.87 -18.86 41.66
CA SER A 504 -7.00 -19.85 42.29
C SER A 504 -7.40 -21.26 41.89
N ALA B 2 3.79 5.22 -39.15
CA ALA B 2 4.91 4.70 -38.36
C ALA B 2 5.40 5.75 -37.36
N PRO B 3 5.35 5.42 -36.07
CA PRO B 3 5.69 6.42 -35.05
C PRO B 3 7.17 6.79 -35.07
N LEU B 4 7.45 8.03 -34.73
CA LEU B 4 8.80 8.60 -34.79
C LEU B 4 9.32 8.85 -33.38
N LYS B 5 10.55 8.42 -33.10
CA LYS B 5 11.22 8.81 -31.88
C LYS B 5 11.25 10.33 -31.78
N LEU B 6 10.73 10.84 -30.67
CA LEU B 6 10.83 12.27 -30.42
C LEU B 6 12.29 12.67 -30.30
N ASN B 7 12.73 13.56 -31.19
CA ASN B 7 14.04 14.21 -31.10
C ASN B 7 14.01 15.39 -32.06
N SER B 8 15.14 16.09 -32.17
CA SER B 8 15.21 17.26 -33.03
C SER B 8 15.15 16.89 -34.52
N ARG B 9 15.67 15.70 -34.88
CA ARG B 9 15.58 15.22 -36.25
C ARG B 9 14.11 15.08 -36.68
N ASN B 10 13.32 14.37 -35.89
CA ASN B 10 11.97 13.99 -36.29
C ASN B 10 10.92 15.01 -35.93
N LEU B 11 11.30 16.19 -35.46
CA LEU B 11 10.30 17.13 -34.95
C LEU B 11 9.36 17.58 -36.04
N SER B 12 9.89 18.02 -37.19
CA SER B 12 9.04 18.59 -38.23
C SER B 12 8.10 17.55 -38.81
N GLN B 13 8.56 16.30 -38.94
CA GLN B 13 7.71 15.24 -39.47
C GLN B 13 6.67 14.77 -38.45
N ILE B 14 7.00 14.85 -37.16
CA ILE B 14 6.01 14.53 -36.13
C ILE B 14 4.85 15.51 -36.21
N ALA B 15 5.16 16.80 -36.34
CA ALA B 15 4.12 17.81 -36.50
C ALA B 15 3.36 17.64 -37.81
N ALA B 16 4.07 17.30 -38.90
CA ALA B 16 3.40 17.07 -40.17
C ALA B 16 2.33 15.99 -40.05
N ALA B 17 2.73 14.80 -39.59
CA ALA B 17 1.77 13.73 -39.38
C ALA B 17 0.76 14.07 -38.29
N GLY B 18 1.15 14.88 -37.30
CA GLY B 18 0.28 15.10 -36.15
C GLY B 18 -0.86 16.05 -36.45
N GLY B 19 -0.61 17.09 -37.24
CA GLY B 19 -1.66 18.04 -37.56
C GLY B 19 -2.13 18.77 -36.31
N ALA B 20 -3.44 18.80 -36.11
CA ALA B 20 -4.02 19.52 -34.97
C ALA B 20 -3.92 18.77 -33.65
N LEU B 21 -3.56 17.48 -33.66
CA LEU B 21 -3.41 16.76 -32.41
C LEU B 21 -2.04 16.95 -31.78
N VAL B 22 -1.09 17.59 -32.47
CA VAL B 22 0.28 17.75 -31.98
C VAL B 22 0.70 19.20 -32.13
N LYS B 23 1.19 19.78 -31.04
CA LYS B 23 1.81 21.09 -31.06
C LYS B 23 3.30 20.91 -30.78
N ILE B 24 4.13 21.61 -31.55
CA ILE B 24 5.59 21.46 -31.38
C ILE B 24 6.22 22.81 -31.10
N PRO B 25 7.37 22.84 -30.41
CA PRO B 25 8.10 24.11 -30.25
C PRO B 25 8.85 24.41 -31.55
N THR B 26 8.65 25.62 -32.06
CA THR B 26 9.37 26.01 -33.27
C THR B 26 10.54 26.95 -33.00
N TYR B 27 10.65 27.47 -31.77
CA TYR B 27 11.76 28.34 -31.41
C TYR B 27 13.07 27.55 -31.39
N GLN B 28 14.17 28.26 -31.67
CA GLN B 28 15.49 27.66 -31.61
C GLN B 28 15.85 27.29 -30.18
N ARG B 29 16.58 26.18 -30.03
CA ARG B 29 17.00 25.67 -28.73
C ARG B 29 18.52 25.53 -28.68
N GLY B 30 19.02 24.74 -27.73
CA GLY B 30 20.46 24.56 -27.58
C GLY B 30 21.20 25.86 -27.35
N ARG B 31 22.30 26.03 -28.09
CA ARG B 31 23.18 27.18 -27.91
C ARG B 31 22.50 28.51 -28.18
N ALA B 32 21.35 28.51 -28.87
CA ALA B 32 20.67 29.78 -29.13
C ALA B 32 20.08 30.40 -27.87
N VAL B 33 19.78 29.62 -26.83
CA VAL B 33 19.08 30.11 -25.65
C VAL B 33 20.01 30.08 -24.45
N LYS B 34 19.64 30.83 -23.42
CA LYS B 34 20.37 30.90 -22.15
C LYS B 34 19.52 30.28 -21.05
N GLU B 35 20.14 29.42 -20.23
CA GLU B 35 19.40 28.61 -19.25
C GLU B 35 19.29 29.36 -17.92
N GLY B 36 18.45 30.39 -17.94
CA GLY B 36 18.18 31.26 -16.81
C GLY B 36 17.50 30.58 -15.64
N ILE B 37 16.92 29.39 -15.84
CA ILE B 37 16.32 28.61 -14.77
C ILE B 37 17.04 27.29 -14.63
N VAL B 38 17.56 27.02 -13.43
CA VAL B 38 18.02 25.69 -13.06
C VAL B 38 16.96 25.10 -12.16
N HIS B 39 16.42 23.94 -12.55
CA HIS B 39 15.38 23.29 -11.78
C HIS B 39 15.92 22.02 -11.14
N ILE B 40 15.71 21.89 -9.83
CA ILE B 40 16.14 20.71 -9.09
C ILE B 40 14.93 19.81 -8.89
N GLY B 41 15.02 18.58 -9.35
CA GLY B 41 13.90 17.67 -9.20
C GLY B 41 13.00 17.67 -10.42
N VAL B 42 13.56 17.32 -11.58
CA VAL B 42 12.77 17.22 -12.80
C VAL B 42 11.87 16.00 -12.71
N GLY B 43 10.60 16.22 -12.36
CA GLY B 43 9.62 15.16 -12.31
C GLY B 43 8.40 15.51 -13.13
N GLY B 44 7.23 14.99 -12.73
CA GLY B 44 6.03 15.23 -13.49
C GLY B 44 5.50 16.63 -13.31
N PHE B 45 5.43 17.13 -12.07
CA PHE B 45 4.79 18.42 -11.85
C PHE B 45 5.55 19.54 -12.54
N HIS B 46 6.88 19.57 -12.39
CA HIS B 46 7.67 20.62 -13.02
C HIS B 46 7.49 20.60 -14.54
N ARG B 47 7.45 19.39 -15.13
CA ARG B 47 7.35 19.26 -16.58
C ARG B 47 5.93 19.48 -17.08
N ALA B 48 4.94 19.51 -16.20
CA ALA B 48 3.59 19.83 -16.61
C ALA B 48 3.20 21.25 -16.29
N HIS B 49 3.99 21.94 -15.47
CA HIS B 49 3.55 23.22 -14.90
C HIS B 49 4.58 24.28 -15.25
N LEU B 50 5.67 24.40 -14.48
CA LEU B 50 6.63 25.48 -14.75
C LEU B 50 7.25 25.36 -16.15
N ALA B 51 7.67 24.15 -16.53
CA ALA B 51 8.25 23.96 -17.85
C ALA B 51 7.29 24.39 -18.95
N VAL B 52 5.99 24.24 -18.70
CA VAL B 52 5.01 24.52 -19.74
C VAL B 52 4.80 26.02 -19.88
N TYR B 53 4.72 26.73 -18.75
CA TYR B 53 4.70 28.19 -18.79
C TYR B 53 5.93 28.73 -19.53
N ILE B 54 7.12 28.19 -19.23
CA ILE B 54 8.34 28.65 -19.88
C ILE B 54 8.28 28.39 -21.38
N ASP B 55 7.90 27.17 -21.77
CA ASP B 55 7.81 26.84 -23.18
C ASP B 55 6.87 27.80 -23.90
N GLN B 56 5.77 28.19 -23.26
CA GLN B 56 4.86 29.16 -23.87
C GLN B 56 5.54 30.52 -24.02
N LEU B 57 6.34 30.89 -23.02
CA LEU B 57 7.08 32.14 -23.09
C LEU B 57 8.04 32.14 -24.27
N MET B 58 8.78 31.05 -24.45
CA MET B 58 9.76 30.97 -25.51
C MET B 58 9.09 30.84 -26.89
N GLN B 59 7.92 30.22 -26.94
CA GLN B 59 7.24 29.94 -28.20
C GLN B 59 6.46 31.15 -28.72
N LYS B 60 5.80 31.87 -27.82
CA LYS B 60 4.89 32.94 -28.23
C LYS B 60 5.35 34.35 -27.88
N HIS B 61 6.33 34.53 -26.98
CA HIS B 61 6.56 35.86 -26.44
C HIS B 61 8.03 36.29 -26.46
N GLY B 62 8.87 35.62 -27.24
CA GLY B 62 10.23 36.11 -27.45
C GLY B 62 11.18 35.98 -26.30
N VAL B 63 10.88 35.12 -25.31
CA VAL B 63 11.74 34.94 -24.15
C VAL B 63 12.79 33.90 -24.50
N ASN B 64 14.06 34.26 -24.35
CA ASN B 64 15.14 33.30 -24.61
C ASN B 64 16.18 33.24 -23.50
N ASP B 65 16.00 33.95 -22.40
CA ASP B 65 16.98 33.98 -21.33
C ASP B 65 16.59 33.10 -20.15
N TYR B 66 15.44 32.44 -20.18
CA TYR B 66 14.99 31.65 -19.02
C TYR B 66 14.63 30.24 -19.43
N ALA B 67 15.44 29.65 -20.29
CA ALA B 67 15.35 28.23 -20.55
C ALA B 67 15.78 27.47 -19.30
N ILE B 68 15.45 26.19 -19.27
CA ILE B 68 15.62 25.39 -18.08
C ILE B 68 16.77 24.43 -18.28
N CYS B 69 17.69 24.44 -17.33
CA CYS B 69 18.64 23.37 -17.13
C CYS B 69 18.10 22.52 -15.98
N GLY B 70 17.62 21.33 -16.30
CA GLY B 70 17.15 20.44 -15.26
C GLY B 70 18.30 19.81 -14.49
N VAL B 71 18.02 19.43 -13.24
CA VAL B 71 19.00 18.78 -12.39
C VAL B 71 18.37 17.57 -11.72
N GLY B 72 19.12 16.48 -11.63
CA GLY B 72 18.71 15.31 -10.89
C GLY B 72 19.71 14.97 -9.80
N LEU B 73 19.32 15.16 -8.53
CA LEU B 73 20.22 14.95 -7.41
C LEU B 73 20.40 13.47 -7.04
N GLN B 74 19.49 12.60 -7.45
CA GLN B 74 19.43 11.24 -6.95
C GLN B 74 19.87 10.24 -8.02
N PRO B 75 20.46 9.11 -7.63
CA PRO B 75 20.86 8.11 -8.63
C PRO B 75 19.71 7.62 -9.49
N PHE B 76 18.52 7.44 -8.89
CA PHE B 76 17.37 7.00 -9.67
C PHE B 76 16.96 8.00 -10.73
N ASP B 77 17.41 9.25 -10.63
CA ASP B 77 17.09 10.22 -11.69
C ASP B 77 17.78 9.89 -13.01
N SER B 78 18.74 8.97 -13.02
CA SER B 78 19.43 8.61 -14.25
C SER B 78 18.45 8.22 -15.35
N ALA B 79 17.29 7.67 -14.97
CA ALA B 79 16.29 7.32 -15.96
C ALA B 79 15.72 8.57 -16.63
N MET B 80 15.42 9.61 -15.83
CA MET B 80 15.00 10.88 -16.42
C MET B 80 16.10 11.43 -17.31
N ARG B 81 17.35 11.39 -16.84
CA ARG B 81 18.46 11.90 -17.64
C ARG B 81 18.52 11.22 -19.00
N ASP B 82 18.49 9.89 -19.02
CA ASP B 82 18.59 9.14 -20.27
C ASP B 82 17.43 9.47 -21.20
N ALA B 83 16.20 9.45 -20.66
CA ALA B 83 15.01 9.74 -21.46
C ALA B 83 15.14 11.07 -22.18
N LEU B 84 15.47 12.13 -21.43
CA LEU B 84 15.61 13.45 -22.03
C LEU B 84 16.83 13.53 -22.94
N ALA B 85 17.91 12.81 -22.62
CA ALA B 85 19.10 12.85 -23.47
C ALA B 85 18.82 12.21 -24.82
N SER B 86 18.10 11.08 -24.83
CA SER B 86 17.76 10.39 -26.07
C SER B 86 16.83 11.21 -26.95
N GLN B 87 16.28 12.31 -26.45
CA GLN B 87 15.27 13.08 -27.17
C GLN B 87 15.68 14.53 -27.33
N ASP B 88 16.97 14.83 -27.15
CA ASP B 88 17.48 16.20 -27.19
C ASP B 88 16.74 17.09 -26.19
N HIS B 89 16.30 16.47 -25.10
CA HIS B 89 15.63 17.14 -23.99
C HIS B 89 14.25 17.67 -24.38
N LEU B 90 13.67 17.07 -25.42
CA LEU B 90 12.27 17.25 -25.74
C LEU B 90 11.44 16.18 -25.04
N TYR B 91 10.23 16.55 -24.67
CA TYR B 91 9.29 15.56 -24.16
C TYR B 91 7.88 16.01 -24.50
N THR B 92 6.96 15.05 -24.43
CA THR B 92 5.58 15.25 -24.81
C THR B 92 4.73 15.47 -23.56
N LEU B 93 3.91 16.54 -23.57
CA LEU B 93 2.86 16.74 -22.59
C LEU B 93 1.53 16.29 -23.22
N ILE B 94 0.99 15.19 -22.71
CA ILE B 94 -0.32 14.70 -23.13
C ILE B 94 -1.35 15.45 -22.29
N GLU B 95 -1.98 16.47 -22.87
CA GLU B 95 -3.08 17.14 -22.20
C GLU B 95 -4.36 16.34 -22.42
N ARG B 96 -4.93 15.82 -21.35
CA ARG B 96 -6.17 15.06 -21.44
C ARG B 96 -7.34 16.03 -21.29
N SER B 97 -7.66 16.67 -22.41
CA SER B 97 -8.69 17.69 -22.51
C SER B 97 -10.07 17.05 -22.72
N ALA B 98 -11.12 17.84 -22.45
CA ALA B 98 -12.47 17.32 -22.58
C ALA B 98 -12.87 17.14 -24.03
N LYS B 99 -12.16 17.77 -24.96
CA LYS B 99 -12.35 17.55 -26.38
C LYS B 99 -11.51 16.38 -26.90
N GLY B 100 -10.80 15.68 -26.02
CA GLY B 100 -9.88 14.63 -26.41
C GLY B 100 -8.46 14.90 -25.95
N SER B 101 -7.62 13.88 -25.98
CA SER B 101 -6.22 14.07 -25.64
C SER B 101 -5.50 14.84 -26.73
N PHE B 102 -4.39 15.46 -26.34
CA PHE B 102 -3.67 16.39 -27.20
C PHE B 102 -2.21 16.32 -26.80
N ALA B 103 -1.33 16.19 -27.79
CA ALA B 103 0.11 16.02 -27.57
C ALA B 103 0.81 17.34 -27.79
N HIS B 104 1.47 17.84 -26.76
CA HIS B 104 2.19 19.12 -26.79
C HIS B 104 3.65 18.81 -26.44
N VAL B 105 4.51 18.84 -27.46
CA VAL B 105 5.94 18.64 -27.24
C VAL B 105 6.52 19.88 -26.59
N ILE B 106 7.27 19.69 -25.49
CA ILE B 106 7.81 20.79 -24.71
C ILE B 106 9.31 20.89 -24.95
N GLY B 107 9.79 22.09 -25.22
CA GLY B 107 11.20 22.27 -25.51
C GLY B 107 11.88 23.26 -24.59
N SER B 108 11.23 23.58 -23.46
CA SER B 108 11.76 24.56 -22.52
C SER B 108 12.91 24.03 -21.68
N ILE B 109 13.07 22.72 -21.58
CA ILE B 109 14.19 22.13 -20.86
C ILE B 109 15.31 21.94 -21.89
N ASN B 110 16.33 22.77 -21.77
CA ASN B 110 17.40 22.85 -22.75
C ASN B 110 18.56 21.92 -22.46
N SER B 111 18.82 21.61 -21.19
CA SER B 111 19.83 20.62 -20.85
C SER B 111 19.47 20.00 -19.51
N TYR B 112 20.24 18.99 -19.13
CA TYR B 112 20.03 18.27 -17.87
C TYR B 112 21.39 17.91 -17.29
N LEU B 113 21.60 18.26 -16.01
CA LEU B 113 22.78 17.83 -15.28
C LEU B 113 22.37 16.73 -14.31
N PHE B 114 22.98 15.55 -14.45
CA PHE B 114 22.81 14.47 -13.50
C PHE B 114 23.86 14.63 -12.40
N ALA B 115 23.40 14.97 -11.20
CA ALA B 115 24.32 15.34 -10.12
C ALA B 115 25.31 14.24 -9.75
N PRO B 116 24.91 13.00 -9.49
CA PRO B 116 25.92 11.99 -9.10
C PRO B 116 27.06 11.83 -10.10
N ASP B 117 26.89 12.28 -11.35
CA ASP B 117 27.97 12.19 -12.32
C ASP B 117 29.04 13.25 -12.11
N ASN B 118 28.70 14.39 -11.53
CA ASN B 118 29.63 15.51 -11.44
C ASN B 118 29.00 16.65 -10.64
N ARG B 119 29.17 16.62 -9.32
CA ARG B 119 28.44 17.58 -8.49
C ARG B 119 28.96 18.99 -8.67
N GLU B 120 30.23 19.14 -9.06
CA GLU B 120 30.79 20.48 -9.21
C GLU B 120 30.27 21.17 -10.47
N ALA B 121 29.95 20.41 -11.51
CA ALA B 121 29.31 21.01 -12.68
C ALA B 121 27.95 21.60 -12.31
N VAL B 122 27.19 20.90 -11.46
CA VAL B 122 25.95 21.45 -10.93
C VAL B 122 26.21 22.76 -10.20
N ILE B 123 27.16 22.74 -9.25
CA ILE B 123 27.52 23.95 -8.51
C ILE B 123 27.85 25.09 -9.47
N ALA B 124 28.81 24.85 -10.37
CA ALA B 124 29.24 25.88 -11.30
C ALA B 124 28.08 26.39 -12.14
N LYS B 125 27.17 25.49 -12.54
CA LYS B 125 25.98 25.88 -13.28
C LYS B 125 25.14 26.89 -12.50
N MET B 126 24.91 26.61 -11.22
CA MET B 126 24.13 27.53 -10.39
C MET B 126 24.85 28.85 -10.19
N ALA B 127 26.17 28.81 -10.06
CA ALA B 127 26.95 30.03 -9.84
C ALA B 127 27.00 30.90 -11.08
N HIS B 128 26.77 30.32 -12.25
CA HIS B 128 26.95 31.02 -13.50
C HIS B 128 26.05 32.26 -13.57
N PRO B 129 26.50 33.36 -14.18
CA PRO B 129 25.66 34.55 -14.27
C PRO B 129 24.39 34.35 -15.08
N ASP B 130 24.38 33.39 -16.00
CA ASP B 130 23.14 33.12 -16.74
C ASP B 130 22.03 32.67 -15.81
N THR B 131 22.37 31.94 -14.76
CA THR B 131 21.36 31.44 -13.83
C THR B 131 20.78 32.60 -13.05
N LYS B 132 19.48 32.83 -13.22
CA LYS B 132 18.72 33.85 -12.49
C LYS B 132 17.82 33.27 -11.42
N ILE B 133 17.28 32.07 -11.63
CA ILE B 133 16.32 31.44 -10.73
C ILE B 133 16.70 29.97 -10.58
N VAL B 134 16.65 29.45 -9.36
CA VAL B 134 16.77 28.02 -9.10
C VAL B 134 15.43 27.56 -8.55
N SER B 135 14.73 26.72 -9.30
CA SER B 135 13.39 26.28 -8.89
C SER B 135 13.46 24.88 -8.32
N LEU B 136 12.42 24.53 -7.55
CA LEU B 136 12.41 23.30 -6.76
C LEU B 136 11.09 22.56 -6.87
N THR B 137 11.16 21.27 -7.19
CA THR B 137 10.13 20.29 -6.86
C THR B 137 10.91 19.12 -6.27
N ILE B 138 11.20 19.19 -4.97
CA ILE B 138 12.04 18.19 -4.33
C ILE B 138 11.26 17.38 -3.28
N THR B 139 9.93 17.47 -3.30
CA THR B 139 9.01 16.83 -2.35
C THR B 139 9.20 17.35 -0.93
N GLU B 140 8.22 17.10 -0.06
CA GLU B 140 8.27 17.65 1.29
C GLU B 140 9.48 17.12 2.05
N SER B 141 9.75 15.81 1.95
CA SER B 141 10.88 15.22 2.66
C SER B 141 12.20 15.86 2.26
N GLY B 142 12.31 16.36 1.02
CA GLY B 142 13.57 16.93 0.58
C GLY B 142 13.94 18.24 1.26
N TYR B 143 13.07 18.79 2.11
CA TYR B 143 13.35 20.09 2.73
C TYR B 143 14.08 19.97 4.06
N TYR B 144 14.11 18.78 4.66
CA TYR B 144 14.77 18.58 5.94
C TYR B 144 14.26 19.60 6.97
N TYR B 145 12.93 19.69 7.07
CA TYR B 145 12.25 20.74 7.82
C TYR B 145 11.36 20.13 8.89
N ASN B 146 11.47 20.65 10.11
CA ASN B 146 10.61 20.24 11.22
C ASN B 146 9.29 21.00 11.10
N GLU B 147 8.22 20.30 10.70
CA GLU B 147 6.90 20.93 10.54
C GLU B 147 6.32 21.43 11.86
N ASN B 148 6.96 21.11 12.99
CA ASN B 148 6.46 21.52 14.30
C ASN B 148 7.38 22.50 15.02
N THR B 149 8.70 22.31 14.96
CA THR B 149 9.62 23.27 15.57
C THR B 149 9.98 24.43 14.64
N HIS B 150 9.65 24.32 13.35
CA HIS B 150 10.04 25.29 12.31
C HIS B 150 11.55 25.56 12.37
N GLU B 151 12.31 24.51 12.10
CA GLU B 151 13.76 24.60 12.16
C GLU B 151 14.39 23.63 11.17
N LEU B 152 15.61 23.95 10.74
CA LEU B 152 16.40 23.07 9.89
C LEU B 152 16.93 21.91 10.71
N GLN B 153 16.63 20.68 10.27
CA GLN B 153 17.09 19.49 10.99
C GLN B 153 18.58 19.31 10.74
N SER B 154 19.38 20.12 11.43
CA SER B 154 20.82 19.93 11.44
C SER B 154 21.16 18.50 11.89
N ASN B 167 33.32 18.69 2.46
CA ASN B 167 32.48 18.37 1.32
C ASN B 167 32.05 19.64 0.60
N GLU B 168 32.88 20.69 0.71
CA GLU B 168 32.56 22.01 0.16
C GLU B 168 32.27 21.99 -1.34
N LYS B 169 32.74 20.97 -2.05
CA LYS B 169 32.50 20.87 -3.49
C LYS B 169 31.84 19.55 -3.87
N ALA B 170 31.27 18.83 -2.90
CA ALA B 170 30.55 17.58 -3.19
C ALA B 170 29.30 17.43 -2.33
N PRO B 171 28.39 18.42 -2.38
CA PRO B 171 27.16 18.32 -1.56
C PRO B 171 26.24 17.23 -2.06
N ARG B 172 25.28 16.86 -1.20
CA ARG B 172 24.26 15.88 -1.58
C ARG B 172 22.83 16.37 -1.42
N THR B 173 22.56 17.40 -0.61
CA THR B 173 21.20 17.91 -0.48
C THR B 173 21.01 19.15 -1.34
N THR B 174 19.74 19.48 -1.56
CA THR B 174 19.40 20.71 -2.28
C THR B 174 20.13 21.90 -1.68
N PHE B 175 20.18 21.97 -0.35
CA PHE B 175 20.74 23.14 0.34
C PHE B 175 22.26 23.17 0.23
N GLY B 176 22.91 22.01 0.24
CA GLY B 176 24.33 21.98 -0.05
C GLY B 176 24.64 22.60 -1.40
N PHE B 177 23.84 22.26 -2.42
CA PHE B 177 24.09 22.79 -3.75
C PHE B 177 23.74 24.26 -3.84
N LEU B 178 22.61 24.67 -3.26
CA LEU B 178 22.23 26.07 -3.29
C LEU B 178 23.31 26.94 -2.64
N TYR B 179 23.71 26.59 -1.42
CA TYR B 179 24.73 27.37 -0.72
C TYR B 179 26.04 27.38 -1.49
N ALA B 180 26.41 26.24 -2.08
CA ALA B 180 27.65 26.20 -2.83
C ALA B 180 27.64 27.18 -3.99
N GLY B 181 26.52 27.27 -4.71
CA GLY B 181 26.43 28.24 -5.79
C GLY B 181 26.37 29.67 -5.29
N LEU B 182 25.69 29.90 -4.17
CA LEU B 182 25.48 31.27 -3.71
C LEU B 182 26.80 31.93 -3.30
N THR B 183 27.69 31.20 -2.63
CA THR B 183 28.93 31.82 -2.18
C THR B 183 29.78 32.30 -3.35
N ARG B 184 29.83 31.51 -4.42
CA ARG B 184 30.56 31.93 -5.61
C ARG B 184 29.97 33.20 -6.21
N ARG B 185 28.63 33.31 -6.22
CA ARG B 185 28.01 34.52 -6.77
C ARG B 185 28.25 35.72 -5.86
N TYR B 186 28.25 35.49 -4.54
CA TYR B 186 28.59 36.54 -3.59
C TYR B 186 29.99 37.10 -3.87
N GLN B 187 30.97 36.21 -4.05
CA GLN B 187 32.34 36.64 -4.30
C GLN B 187 32.47 37.39 -5.62
N GLN B 188 31.72 36.98 -6.63
CA GLN B 188 31.84 37.60 -7.96
C GLN B 188 31.01 38.85 -8.09
N GLY B 189 30.43 39.35 -7.01
CA GLY B 189 29.58 40.53 -7.10
C GLY B 189 28.26 40.28 -7.79
N LEU B 190 27.85 39.03 -7.92
CA LEU B 190 26.56 38.71 -8.53
C LEU B 190 25.46 38.78 -7.47
N LYS B 191 24.25 39.04 -7.92
CA LYS B 191 23.13 38.95 -7.02
C LYS B 191 22.78 37.48 -6.78
N PRO B 192 22.13 37.16 -5.66
CA PRO B 192 21.67 35.78 -5.47
C PRO B 192 20.63 35.44 -6.54
N PHE B 193 20.61 34.18 -6.96
CA PHE B 193 19.49 33.73 -7.75
C PHE B 193 18.26 33.63 -6.85
N THR B 194 17.10 33.90 -7.44
CA THR B 194 15.83 33.61 -6.78
C THR B 194 15.70 32.12 -6.61
N VAL B 195 15.32 31.68 -5.40
CA VAL B 195 15.07 30.27 -5.11
C VAL B 195 13.56 30.08 -5.04
N MET B 196 13.02 29.29 -5.96
CA MET B 196 11.59 29.29 -6.26
C MET B 196 11.03 27.89 -6.04
N SER B 197 10.50 27.66 -4.84
CA SER B 197 9.90 26.37 -4.54
C SER B 197 8.60 26.24 -5.31
N CYS B 198 8.39 25.09 -5.93
CA CYS B 198 7.16 24.81 -6.65
C CYS B 198 6.46 23.59 -6.07
N ASP B 199 6.85 23.18 -4.87
CA ASP B 199 6.19 22.08 -4.17
C ASP B 199 4.86 22.56 -3.57
N ASN B 200 3.86 21.69 -3.62
CA ASN B 200 2.50 21.96 -3.15
C ASN B 200 2.41 22.02 -1.63
N MET B 201 3.25 22.81 -0.97
CA MET B 201 3.21 22.87 0.48
C MET B 201 3.03 24.32 0.90
N GLN B 202 2.18 24.55 1.91
CA GLN B 202 1.95 25.90 2.39
C GLN B 202 3.24 26.53 2.89
N LYS B 203 3.34 27.84 2.72
CA LYS B 203 4.52 28.61 3.12
C LYS B 203 5.79 28.11 2.44
N ASN B 204 5.66 27.55 1.23
CA ASN B 204 6.81 26.88 0.61
C ASN B 204 7.99 27.83 0.47
N GLY B 205 7.75 29.10 0.13
CA GLY B 205 8.85 30.05 0.02
C GLY B 205 9.48 30.42 1.35
N SER B 206 8.65 30.58 2.39
CA SER B 206 9.19 30.95 3.69
C SER B 206 10.01 29.81 4.30
N ILE B 207 9.50 28.58 4.18
CA ILE B 207 10.26 27.40 4.62
C ILE B 207 11.58 27.33 3.87
N THR B 208 11.56 27.59 2.57
CA THR B 208 12.78 27.51 1.76
C THR B 208 13.78 28.56 2.20
N ARG B 209 13.32 29.79 2.46
CA ARG B 209 14.21 30.81 3.01
C ARG B 209 14.81 30.35 4.34
N HIS B 210 13.97 29.89 5.26
CA HIS B 210 14.44 29.51 6.58
C HIS B 210 15.44 28.36 6.50
N MET B 211 15.12 27.32 5.72
CA MET B 211 16.01 26.18 5.63
C MET B 211 17.38 26.59 5.10
N LEU B 212 17.41 27.27 3.95
CA LEU B 212 18.70 27.66 3.38
C LEU B 212 19.43 28.65 4.28
N GLU B 213 18.72 29.60 4.89
CA GLU B 213 19.36 30.57 5.77
C GLU B 213 20.04 29.86 6.95
N SER B 214 19.32 28.92 7.59
CA SER B 214 19.88 28.20 8.73
C SER B 214 21.10 27.39 8.31
N PHE B 215 21.04 26.76 7.13
CA PHE B 215 22.21 26.07 6.58
C PHE B 215 23.38 27.04 6.44
N ALA B 216 23.13 28.24 5.93
CA ALA B 216 24.23 29.16 5.61
C ALA B 216 24.87 29.75 6.86
N ARG B 217 24.05 30.09 7.86
CA ARG B 217 24.61 30.57 9.13
C ARG B 217 25.48 29.50 9.77
N LEU B 218 25.16 28.22 9.53
CA LEU B 218 25.96 27.11 10.03
C LEU B 218 27.26 26.93 9.26
N ARG B 219 27.52 27.74 8.25
CA ARG B 219 28.85 27.78 7.64
C ARG B 219 29.43 29.19 7.77
N ASN B 220 29.18 30.06 6.78
CA ASN B 220 29.65 31.44 6.83
C ASN B 220 28.48 32.39 7.10
N PRO B 221 28.39 32.99 8.29
CA PRO B 221 27.32 33.98 8.52
C PRO B 221 27.43 35.19 7.61
N GLU B 222 28.58 35.44 6.98
CA GLU B 222 28.66 36.52 6.01
C GLU B 222 27.82 36.21 4.77
N VAL B 223 27.85 34.95 4.32
CA VAL B 223 26.98 34.56 3.21
C VAL B 223 25.53 34.46 3.69
N ALA B 224 25.32 33.98 4.92
CA ALA B 224 23.97 33.87 5.46
C ALA B 224 23.26 35.22 5.50
N GLU B 225 23.95 36.24 6.00
CA GLU B 225 23.37 37.59 6.01
C GLU B 225 23.08 38.09 4.60
N TRP B 226 23.97 37.78 3.65
CA TRP B 226 23.74 38.22 2.28
C TRP B 226 22.48 37.56 1.72
N ILE B 227 22.27 36.28 2.04
CA ILE B 227 21.09 35.57 1.56
C ILE B 227 19.83 36.14 2.18
N ALA B 228 19.88 36.49 3.48
CA ALA B 228 18.70 37.07 4.13
C ALA B 228 18.40 38.45 3.58
N GLU B 229 19.41 39.28 3.39
CA GLU B 229 19.18 40.67 2.99
C GLU B 229 18.96 40.83 1.49
N GLU B 230 19.62 40.02 0.66
CA GLU B 230 19.52 40.18 -0.78
C GLU B 230 18.79 39.05 -1.49
N GLY B 231 18.57 37.91 -0.82
CA GLY B 231 17.94 36.79 -1.47
C GLY B 231 16.44 36.99 -1.67
N ALA B 232 15.87 36.15 -2.53
CA ALA B 232 14.44 36.14 -2.80
C ALA B 232 13.94 34.71 -2.66
N PHE B 233 12.82 34.54 -1.97
CA PHE B 233 12.25 33.21 -1.70
C PHE B 233 10.73 33.25 -1.80
N PRO B 234 10.20 33.50 -3.00
CA PRO B 234 8.78 33.84 -3.11
C PRO B 234 7.89 32.68 -2.72
N ASN B 235 6.85 33.00 -1.96
CA ASN B 235 5.82 32.02 -1.69
C ASN B 235 4.91 31.90 -2.90
N ALA B 236 4.32 30.72 -3.06
CA ALA B 236 3.55 30.46 -4.25
C ALA B 236 2.49 29.43 -3.95
N MET B 237 1.40 29.50 -4.69
CA MET B 237 0.42 28.43 -4.77
C MET B 237 0.48 27.87 -6.18
N VAL B 238 0.54 26.53 -6.29
CA VAL B 238 0.65 25.85 -7.57
C VAL B 238 -0.48 24.82 -7.68
N ASP B 239 -1.03 24.67 -8.89
CA ASP B 239 -2.21 23.83 -9.08
C ASP B 239 -2.25 23.28 -10.50
N ARG B 240 -1.92 22.00 -10.66
CA ARG B 240 -2.09 21.23 -11.88
C ARG B 240 -1.94 19.74 -11.58
N ILE B 241 -2.92 18.92 -11.96
CA ILE B 241 -2.88 17.50 -11.63
C ILE B 241 -1.96 16.79 -12.61
N THR B 242 -1.18 15.83 -12.12
CA THR B 242 -0.17 15.17 -12.94
C THR B 242 -0.01 13.72 -12.51
N PRO B 243 -0.84 12.81 -13.03
CA PRO B 243 -0.65 11.38 -12.76
C PRO B 243 0.74 10.91 -13.18
N GLN B 244 1.19 9.82 -12.58
CA GLN B 244 2.44 9.23 -13.02
C GLN B 244 2.24 8.57 -14.38
N THR B 245 3.29 8.58 -15.20
CA THR B 245 3.22 8.00 -16.53
C THR B 245 3.32 6.48 -16.48
N SER B 246 2.48 5.82 -17.27
CA SER B 246 2.43 4.36 -17.32
C SER B 246 2.89 3.87 -18.69
N GLU B 247 3.23 2.57 -18.73
CA GLU B 247 3.59 1.92 -19.99
C GLU B 247 2.50 2.11 -21.04
N THR B 248 1.22 2.07 -20.63
CA THR B 248 0.15 2.20 -21.59
C THR B 248 0.05 3.62 -22.14
N ASP B 249 0.33 4.64 -21.32
CA ASP B 249 0.35 6.00 -21.85
C ASP B 249 1.43 6.17 -22.91
N LYS B 250 2.51 5.40 -22.79
CA LYS B 250 3.58 5.47 -23.77
C LYS B 250 3.14 4.86 -25.09
N THR B 251 2.60 3.65 -25.06
CA THR B 251 2.17 3.00 -26.30
C THR B 251 0.98 3.72 -26.90
N ALA B 252 0.07 4.23 -26.06
CA ALA B 252 -1.03 5.05 -26.56
C ALA B 252 -0.52 6.28 -27.30
N LEU B 253 0.49 6.97 -26.74
CA LEU B 253 1.04 8.14 -27.42
C LEU B 253 1.58 7.79 -28.80
N ALA B 254 2.28 6.66 -28.91
CA ALA B 254 2.76 6.21 -30.22
C ALA B 254 1.59 5.79 -31.11
N GLU B 255 0.61 5.09 -30.55
CA GLU B 255 -0.50 4.57 -31.35
C GLU B 255 -1.40 5.69 -31.86
N LYS B 256 -1.66 6.72 -31.04
CA LYS B 256 -2.59 7.74 -31.50
C LYS B 256 -1.88 8.91 -32.18
N PHE B 257 -0.76 9.37 -31.62
CA PHE B 257 -0.12 10.57 -32.11
C PHE B 257 1.13 10.30 -32.91
N GLY B 258 1.59 9.06 -32.98
CA GLY B 258 2.76 8.74 -33.77
C GLY B 258 4.06 9.19 -33.16
N ILE B 259 4.12 9.29 -31.83
CA ILE B 259 5.29 9.81 -31.14
C ILE B 259 5.81 8.73 -30.20
N VAL B 260 7.07 8.34 -30.36
CA VAL B 260 7.75 7.48 -29.40
C VAL B 260 8.49 8.39 -28.42
N ASP B 261 8.00 8.44 -27.18
CA ASP B 261 8.62 9.22 -26.12
C ASP B 261 9.04 8.26 -25.03
N SER B 262 10.29 8.39 -24.56
CA SER B 262 10.73 7.53 -23.47
C SER B 262 10.04 7.86 -22.17
N TRP B 263 9.73 9.14 -21.94
CA TRP B 263 9.10 9.57 -20.70
C TRP B 263 8.20 10.77 -20.93
N PRO B 264 7.00 10.55 -21.51
CA PRO B 264 6.02 11.63 -21.63
C PRO B 264 5.36 11.91 -20.28
N VAL B 265 4.61 13.01 -20.23
CA VAL B 265 3.90 13.44 -19.02
C VAL B 265 2.43 13.65 -19.37
N VAL B 266 1.54 13.20 -18.49
CA VAL B 266 0.10 13.34 -18.67
C VAL B 266 -0.44 14.32 -17.63
N THR B 267 -1.35 15.19 -18.07
CA THR B 267 -1.96 16.18 -17.20
C THR B 267 -3.35 16.53 -17.73
N GLU B 268 -4.03 17.41 -17.03
CA GLU B 268 -5.32 18.00 -17.36
C GLU B 268 -5.11 19.39 -17.94
N PRO B 269 -6.11 19.95 -18.64
CA PRO B 269 -5.92 21.32 -19.16
C PRO B 269 -5.79 22.39 -18.09
N PHE B 270 -6.51 22.26 -16.97
CA PHE B 270 -6.45 23.31 -15.96
C PHE B 270 -5.04 23.44 -15.39
N THR B 271 -4.62 24.68 -15.22
CA THR B 271 -3.35 24.98 -14.59
C THR B 271 -3.46 26.34 -13.92
N GLN B 272 -2.81 26.49 -12.78
CA GLN B 272 -2.83 27.77 -12.08
C GLN B 272 -1.51 27.92 -11.35
N TRP B 273 -1.04 29.16 -11.26
CA TRP B 273 0.22 29.47 -10.57
C TRP B 273 0.11 30.89 -10.06
N VAL B 274 0.12 31.05 -8.74
CA VAL B 274 0.02 32.32 -8.05
C VAL B 274 1.31 32.49 -7.26
N ILE B 275 2.05 33.56 -7.51
CA ILE B 275 3.35 33.72 -6.88
C ILE B 275 3.55 35.18 -6.50
N GLU B 276 4.15 35.41 -5.32
CA GLU B 276 4.43 36.77 -4.91
C GLU B 276 5.68 37.30 -5.62
N ASP B 277 5.63 38.57 -6.01
CA ASP B 277 6.72 39.25 -6.72
C ASP B 277 7.89 39.47 -5.76
N GLN B 278 8.70 38.41 -5.59
CA GLN B 278 9.96 38.52 -4.83
C GLN B 278 11.02 37.78 -5.65
N PHE B 279 11.79 38.54 -6.42
CA PHE B 279 12.85 38.00 -7.26
C PHE B 279 14.09 38.88 -7.10
N SER B 280 15.26 38.25 -7.05
CA SER B 280 16.48 38.94 -6.70
C SER B 280 17.41 39.19 -7.88
N ASP B 281 17.09 38.66 -9.06
CA ASP B 281 17.98 38.80 -10.20
C ASP B 281 17.20 38.65 -11.50
N GLY B 282 16.00 39.22 -11.56
CA GLY B 282 15.20 39.22 -12.77
C GLY B 282 14.28 38.02 -12.88
N ARG B 283 13.32 38.13 -13.81
CA ARG B 283 12.36 37.08 -14.08
C ARG B 283 11.72 37.36 -15.44
N PRO B 284 11.24 36.33 -16.13
CA PRO B 284 10.51 36.57 -17.39
C PRO B 284 9.13 37.11 -17.08
N PRO B 285 8.38 37.56 -18.11
CA PRO B 285 7.02 38.06 -17.80
C PRO B 285 6.02 36.90 -17.74
N PHE B 286 6.08 36.20 -16.61
CA PHE B 286 5.15 35.11 -16.31
C PHE B 286 3.72 35.50 -16.62
N GLU B 287 3.35 36.75 -16.33
CA GLU B 287 1.96 37.19 -16.50
C GLU B 287 1.43 36.94 -17.91
N LYS B 288 2.31 37.00 -18.92
CA LYS B 288 1.84 36.86 -20.29
C LYS B 288 1.37 35.45 -20.62
N VAL B 289 1.57 34.48 -19.71
CA VAL B 289 1.14 33.13 -20.01
C VAL B 289 0.25 32.61 -18.90
N GLY B 290 -0.53 33.51 -18.30
CA GLY B 290 -1.54 33.12 -17.33
C GLY B 290 -1.09 33.04 -15.89
N VAL B 291 0.15 33.40 -15.58
CA VAL B 291 0.62 33.35 -14.20
C VAL B 291 0.09 34.58 -13.46
N GLN B 292 -0.43 34.36 -12.25
CA GLN B 292 -0.95 35.46 -11.43
C GLN B 292 0.14 35.85 -10.44
N VAL B 293 0.81 36.95 -10.73
CA VAL B 293 1.86 37.45 -9.86
C VAL B 293 1.24 38.44 -8.89
N VAL B 294 1.40 38.19 -7.59
CA VAL B 294 0.73 38.99 -6.58
C VAL B 294 1.76 39.67 -5.69
N LYS B 295 1.28 40.47 -4.75
CA LYS B 295 2.15 41.38 -4.03
C LYS B 295 2.94 40.66 -2.95
N ASP B 296 2.25 39.91 -2.10
CA ASP B 296 2.87 39.44 -0.88
C ASP B 296 2.32 38.05 -0.55
N VAL B 297 2.88 37.47 0.51
CA VAL B 297 2.46 36.15 0.96
C VAL B 297 1.01 36.19 1.45
N HIS B 298 0.55 37.34 1.96
CA HIS B 298 -0.86 37.45 2.33
C HIS B 298 -1.77 37.26 1.13
N ALA B 299 -1.38 37.82 -0.03
CA ALA B 299 -2.18 37.63 -1.23
C ALA B 299 -2.14 36.17 -1.68
N VAL B 300 -0.96 35.55 -1.59
CA VAL B 300 -0.85 34.13 -1.91
C VAL B 300 -1.76 33.29 -1.00
N GLU B 301 -1.71 33.54 0.32
CA GLU B 301 -2.51 32.75 1.25
C GLU B 301 -4.02 32.88 0.98
N GLN B 302 -4.46 34.00 0.41
CA GLN B 302 -5.87 34.15 0.08
C GLN B 302 -6.27 33.22 -1.06
N PHE B 303 -5.40 33.09 -2.07
CA PHE B 303 -5.64 32.10 -3.12
C PHE B 303 -5.55 30.68 -2.58
N GLU B 304 -4.61 30.43 -1.66
CA GLU B 304 -4.53 29.08 -1.08
C GLU B 304 -5.82 28.74 -0.36
N LYS B 305 -6.37 29.69 0.39
CA LYS B 305 -7.62 29.42 1.09
C LYS B 305 -8.76 29.12 0.12
N HIS B 306 -8.83 29.87 -0.99
CA HIS B 306 -9.84 29.56 -2.01
C HIS B 306 -9.66 28.13 -2.52
N LYS B 307 -8.43 27.75 -2.81
CA LYS B 307 -8.16 26.44 -3.38
C LYS B 307 -8.43 25.33 -2.36
N LEU B 308 -7.93 25.49 -1.14
CA LEU B 308 -8.17 24.47 -0.12
C LEU B 308 -9.65 24.26 0.13
N ARG B 309 -10.41 25.36 0.25
CA ARG B 309 -11.81 25.24 0.65
C ARG B 309 -12.72 24.80 -0.49
N LEU B 310 -12.48 25.30 -1.70
CA LEU B 310 -13.37 25.06 -2.84
C LEU B 310 -12.92 23.88 -3.69
N LEU B 311 -11.63 23.82 -4.02
CA LEU B 311 -11.14 22.73 -4.85
C LEU B 311 -10.99 21.46 -4.01
N ASN B 312 -10.11 21.52 -3.00
CA ASN B 312 -9.88 20.34 -2.19
C ASN B 312 -11.13 19.98 -1.41
N GLY B 313 -11.85 20.99 -0.91
CA GLY B 313 -13.11 20.71 -0.25
C GLY B 313 -14.09 20.00 -1.15
N SER B 314 -14.16 20.41 -2.43
CA SER B 314 -15.10 19.77 -3.34
C SER B 314 -14.64 18.37 -3.70
N HIS B 315 -13.34 18.17 -3.91
CA HIS B 315 -12.81 16.82 -4.05
C HIS B 315 -13.31 15.92 -2.92
N SER B 316 -13.32 16.43 -1.68
CA SER B 316 -13.83 15.63 -0.57
C SER B 316 -15.31 15.32 -0.74
N ALA B 317 -16.08 16.32 -1.16
CA ALA B 317 -17.50 16.11 -1.43
C ALA B 317 -17.73 15.13 -2.58
N LEU B 318 -16.85 15.13 -3.59
CA LEU B 318 -17.01 14.13 -4.64
C LEU B 318 -16.53 12.76 -4.22
N GLY B 319 -15.49 12.71 -3.38
CA GLY B 319 -14.76 11.47 -3.18
C GLY B 319 -15.40 10.50 -2.23
N TYR B 320 -15.64 10.89 -0.98
CA TYR B 320 -16.24 9.96 -0.03
C TYR B 320 -17.69 9.65 -0.38
N PRO B 321 -18.58 10.64 -0.61
CA PRO B 321 -19.91 10.29 -1.15
C PRO B 321 -19.82 9.52 -2.46
N GLY B 322 -18.93 9.92 -3.37
CA GLY B 322 -18.84 9.24 -4.65
C GLY B 322 -18.47 7.78 -4.50
N GLN B 323 -17.47 7.48 -3.67
CA GLN B 323 -17.08 6.09 -3.45
C GLN B 323 -18.24 5.30 -2.86
N LEU B 324 -18.93 5.90 -1.89
CA LEU B 324 -20.07 5.22 -1.28
C LEU B 324 -21.14 4.93 -2.33
N ALA B 325 -21.38 5.86 -3.25
CA ALA B 325 -22.47 5.68 -4.19
C ALA B 325 -22.15 4.64 -5.27
N GLY B 326 -20.90 4.20 -5.38
CA GLY B 326 -20.52 3.20 -6.35
C GLY B 326 -19.73 3.70 -7.54
N PHE B 327 -19.30 4.96 -7.55
CA PHE B 327 -18.60 5.49 -8.71
C PHE B 327 -17.12 5.13 -8.67
N GLN B 328 -16.47 5.30 -9.81
CA GLN B 328 -15.05 5.01 -9.96
C GLN B 328 -14.20 6.25 -10.21
N TYR B 329 -14.72 7.23 -10.97
CA TYR B 329 -13.94 8.36 -11.40
C TYR B 329 -14.59 9.66 -10.93
N VAL B 330 -13.75 10.69 -10.85
CA VAL B 330 -14.22 12.03 -10.48
C VAL B 330 -15.31 12.48 -11.45
N HIS B 331 -15.04 12.38 -12.76
CA HIS B 331 -15.96 12.88 -13.76
C HIS B 331 -17.29 12.13 -13.78
N GLU B 332 -17.32 10.89 -13.30
CA GLU B 332 -18.60 10.21 -13.14
C GLU B 332 -19.44 10.87 -12.06
N VAL B 333 -18.84 11.12 -10.89
CA VAL B 333 -19.54 11.83 -9.82
C VAL B 333 -19.99 13.20 -10.29
N MET B 334 -19.06 13.97 -10.86
CA MET B 334 -19.36 15.36 -11.23
C MET B 334 -20.39 15.45 -12.35
N ALA B 335 -20.58 14.38 -13.15
CA ALA B 335 -21.60 14.40 -14.17
C ALA B 335 -22.99 14.09 -13.62
N ASN B 336 -23.06 13.45 -12.47
CA ASN B 336 -24.34 13.10 -11.89
C ASN B 336 -25.10 14.37 -11.52
N PRO B 337 -26.36 14.50 -11.96
CA PRO B 337 -27.07 15.77 -11.75
C PRO B 337 -27.22 16.17 -10.29
N LEU B 338 -27.42 15.22 -9.37
CA LEU B 338 -27.58 15.58 -7.96
C LEU B 338 -26.27 16.09 -7.37
N PHE B 339 -25.17 15.38 -7.64
CA PHE B 339 -23.87 15.86 -7.21
C PHE B 339 -23.54 17.25 -7.79
N ARG B 340 -23.94 17.53 -9.05
CA ARG B 340 -23.71 18.87 -9.60
C ARG B 340 -24.38 19.93 -8.74
N LYS B 341 -25.64 19.71 -8.39
CA LYS B 341 -26.36 20.65 -7.54
C LYS B 341 -25.72 20.74 -6.16
N PHE B 342 -25.44 19.59 -5.55
CA PHE B 342 -24.89 19.57 -4.20
C PHE B 342 -23.59 20.35 -4.12
N VAL B 343 -22.65 20.05 -5.03
CA VAL B 343 -21.34 20.68 -4.98
C VAL B 343 -21.47 22.18 -5.23
N TRP B 344 -22.25 22.56 -6.24
CA TRP B 344 -22.43 23.98 -6.53
C TRP B 344 -23.01 24.71 -5.33
N GLN B 345 -24.05 24.14 -4.72
CA GLN B 345 -24.69 24.82 -3.60
C GLN B 345 -23.81 24.82 -2.37
N MET B 346 -23.05 23.74 -2.14
CA MET B 346 -22.08 23.80 -1.05
C MET B 346 -21.03 24.87 -1.31
N MET B 347 -20.53 24.96 -2.55
CA MET B 347 -19.55 26.00 -2.87
C MET B 347 -20.15 27.39 -2.63
N GLN B 348 -21.36 27.61 -3.13
CA GLN B 348 -21.97 28.95 -3.13
C GLN B 348 -22.52 29.35 -1.76
N GLU B 349 -23.34 28.49 -1.15
CA GLU B 349 -24.03 28.86 0.08
C GLU B 349 -23.18 28.66 1.33
N GLU B 350 -22.28 27.69 1.32
CA GLU B 350 -21.60 27.31 2.56
C GLU B 350 -20.13 27.72 2.60
N VAL B 351 -19.39 27.51 1.53
CA VAL B 351 -17.97 27.84 1.55
C VAL B 351 -17.72 29.28 1.16
N LYS B 352 -18.36 29.76 0.09
CA LYS B 352 -18.12 31.11 -0.41
C LYS B 352 -18.27 32.21 0.64
N PRO B 353 -19.31 32.23 1.48
CA PRO B 353 -19.38 33.29 2.52
C PRO B 353 -18.20 33.29 3.46
N LEU B 354 -17.44 32.20 3.53
CA LEU B 354 -16.27 32.18 4.40
C LEU B 354 -15.03 32.73 3.72
N LEU B 355 -15.10 33.05 2.42
CA LEU B 355 -13.80 33.26 1.82
C LEU B 355 -13.48 34.75 1.71
N PRO B 356 -12.20 35.11 1.74
CA PRO B 356 -11.82 36.51 1.50
C PRO B 356 -12.11 36.91 0.06
N GLU B 357 -12.49 38.17 -0.11
CA GLU B 357 -12.64 38.75 -1.43
C GLU B 357 -11.25 39.14 -1.95
N ILE B 358 -10.85 38.56 -3.07
CA ILE B 358 -9.58 38.89 -3.71
C ILE B 358 -9.87 39.85 -4.84
N PRO B 359 -9.21 41.01 -4.89
CA PRO B 359 -9.45 41.96 -6.00
C PRO B 359 -9.19 41.33 -7.35
N GLY B 360 -10.15 41.48 -8.25
CA GLY B 360 -10.02 40.93 -9.58
C GLY B 360 -10.27 39.44 -9.69
N VAL B 361 -10.70 38.79 -8.62
CA VAL B 361 -11.02 37.36 -8.65
C VAL B 361 -12.51 37.19 -8.40
N ASP B 362 -13.19 36.53 -9.33
CA ASP B 362 -14.61 36.23 -9.18
C ASP B 362 -14.77 34.80 -8.67
N ILE B 363 -15.21 34.64 -7.41
CA ILE B 363 -15.40 33.32 -6.83
C ILE B 363 -16.24 32.45 -7.74
N ASP B 364 -17.35 33.01 -8.23
CA ASP B 364 -18.29 32.24 -9.03
C ASP B 364 -17.65 31.68 -10.29
N GLU B 365 -16.86 32.51 -10.99
CA GLU B 365 -16.15 32.01 -12.17
C GLU B 365 -15.14 30.93 -11.78
N TYR B 366 -14.45 31.11 -10.65
CA TYR B 366 -13.56 30.07 -10.15
C TYR B 366 -14.32 28.78 -9.88
N CYS B 367 -15.48 28.87 -9.22
CA CYS B 367 -16.29 27.69 -8.94
C CYS B 367 -16.72 26.98 -10.23
N ASN B 368 -17.20 27.75 -11.20
CA ASN B 368 -17.63 27.11 -12.44
C ASN B 368 -16.45 26.45 -13.15
N THR B 369 -15.27 27.06 -13.06
CA THR B 369 -14.07 26.45 -13.64
C THR B 369 -13.74 25.12 -12.96
N LEU B 370 -13.85 25.07 -11.63
CA LEU B 370 -13.56 23.83 -10.92
C LEU B 370 -14.54 22.74 -11.31
N ILE B 371 -15.82 23.09 -11.44
CA ILE B 371 -16.83 22.11 -11.84
C ILE B 371 -16.54 21.58 -13.23
N GLU B 372 -16.30 22.48 -14.19
CA GLU B 372 -15.90 22.07 -15.53
C GLU B 372 -14.65 21.20 -15.49
N ARG B 373 -13.67 21.58 -14.67
CA ARG B 373 -12.45 20.81 -14.50
C ARG B 373 -12.75 19.38 -14.02
N PHE B 374 -13.60 19.23 -13.01
CA PHE B 374 -13.95 17.91 -12.51
C PHE B 374 -14.75 17.09 -13.51
N THR B 375 -15.50 17.77 -14.39
CA THR B 375 -16.39 17.13 -15.35
C THR B 375 -15.65 16.45 -16.50
N ASN B 376 -14.43 16.86 -16.79
CA ASN B 376 -13.64 16.30 -17.88
C ASN B 376 -13.47 14.79 -17.74
N PRO B 377 -14.08 13.99 -18.63
CA PRO B 377 -13.96 12.52 -18.50
C PRO B 377 -12.64 11.95 -18.97
N THR B 378 -11.86 12.71 -19.74
CA THR B 378 -10.63 12.20 -20.35
C THR B 378 -9.49 12.03 -19.35
N ILE B 379 -9.51 12.78 -18.25
CA ILE B 379 -8.41 12.68 -17.29
C ILE B 379 -8.52 11.39 -16.47
N MET B 380 -9.71 10.82 -16.33
CA MET B 380 -9.90 9.52 -15.65
C MET B 380 -9.27 9.52 -14.26
N ASP B 381 -9.58 10.56 -13.48
CA ASP B 381 -9.03 10.67 -12.13
C ASP B 381 -9.75 9.70 -11.19
N GLN B 382 -9.01 8.75 -10.61
CA GLN B 382 -9.64 7.71 -9.80
C GLN B 382 -10.10 8.26 -8.44
N LEU B 383 -11.31 7.87 -8.04
CA LEU B 383 -11.80 8.27 -6.72
C LEU B 383 -10.90 7.80 -5.58
N PRO B 384 -10.37 6.57 -5.56
CA PRO B 384 -9.41 6.20 -4.52
C PRO B 384 -8.27 7.20 -4.31
N ARG B 385 -7.76 7.81 -5.38
CA ARG B 385 -6.66 8.77 -5.25
C ARG B 385 -7.10 10.01 -4.49
N ILE B 386 -8.32 10.48 -4.77
CA ILE B 386 -8.92 11.63 -4.09
C ILE B 386 -9.15 11.30 -2.62
N CYS B 387 -9.47 10.05 -2.33
CA CYS B 387 -9.97 9.67 -1.03
C CYS B 387 -8.90 9.31 -0.03
N LEU B 388 -7.68 8.98 -0.48
CA LEU B 388 -6.70 8.42 0.42
C LEU B 388 -6.26 9.47 1.44
N ASN B 389 -5.80 8.99 2.61
CA ASN B 389 -5.27 9.88 3.65
C ASN B 389 -6.32 10.87 4.11
N ALA B 390 -7.56 10.39 4.27
CA ALA B 390 -8.66 11.28 4.65
C ALA B 390 -8.45 11.94 6.00
N SER B 391 -7.70 11.31 6.91
CA SER B 391 -7.49 11.95 8.21
C SER B 391 -6.57 13.16 8.09
N GLY B 392 -5.80 13.26 7.02
CA GLY B 392 -5.07 14.46 6.70
C GLY B 392 -5.72 15.36 5.67
N LYS B 393 -6.98 15.12 5.30
CA LYS B 393 -7.66 15.92 4.28
C LYS B 393 -8.94 16.53 4.80
N ILE B 394 -9.88 15.72 5.32
CA ILE B 394 -11.10 16.26 5.93
C ILE B 394 -10.80 17.35 6.95
N PRO B 395 -9.90 17.16 7.91
CA PRO B 395 -9.64 18.23 8.88
C PRO B 395 -8.92 19.44 8.26
N GLN B 396 -8.34 19.32 7.06
CA GLN B 396 -7.74 20.48 6.40
C GLN B 396 -8.70 21.15 5.42
N PHE B 397 -9.56 20.39 4.72
CA PHE B 397 -10.36 20.90 3.61
C PHE B 397 -11.82 21.20 3.96
N ILE B 398 -12.41 20.50 4.94
CA ILE B 398 -13.84 20.54 5.21
C ILE B 398 -14.12 21.03 6.62
N MET B 399 -13.46 20.44 7.62
CA MET B 399 -13.73 20.82 9.00
C MET B 399 -13.46 22.29 9.30
N PRO B 400 -12.46 22.95 8.70
CA PRO B 400 -12.27 24.39 8.99
C PRO B 400 -13.39 25.27 8.46
N SER B 401 -14.00 24.91 7.34
CA SER B 401 -15.22 25.60 6.93
C SER B 401 -16.36 25.33 7.92
N ILE B 402 -16.44 24.11 8.45
CA ILE B 402 -17.47 23.81 9.46
C ILE B 402 -17.21 24.60 10.74
N ALA B 403 -15.94 24.65 11.18
CA ALA B 403 -15.62 25.39 12.38
C ALA B 403 -15.93 26.88 12.24
N GLU B 404 -15.64 27.46 11.07
CA GLU B 404 -15.92 28.87 10.86
C GLU B 404 -17.41 29.13 10.76
N ALA B 405 -18.16 28.19 10.16
CA ALA B 405 -19.61 28.31 10.09
C ALA B 405 -20.24 28.13 11.47
N ILE B 406 -19.61 27.35 12.35
CA ILE B 406 -20.05 27.29 13.75
C ILE B 406 -19.82 28.63 14.44
N TRP B 407 -18.70 29.28 14.15
CA TRP B 407 -18.36 30.53 14.82
C TRP B 407 -19.39 31.62 14.50
N GLU B 408 -19.85 31.68 13.25
CA GLU B 408 -20.84 32.68 12.86
C GLU B 408 -22.25 32.11 12.68
N THR B 409 -22.49 30.86 13.11
CA THR B 409 -23.77 30.18 12.88
C THR B 409 -24.22 30.28 11.42
N GLY B 410 -23.27 30.12 10.49
CA GLY B 410 -23.60 30.14 9.09
C GLY B 410 -24.04 28.77 8.59
N PRO B 411 -24.37 28.67 7.30
CA PRO B 411 -24.82 27.38 6.75
C PRO B 411 -23.69 26.36 6.66
N PHE B 412 -24.01 25.11 7.00
CA PHE B 412 -23.03 24.02 6.89
C PHE B 412 -23.64 22.64 6.70
N ARG B 413 -24.87 22.49 6.22
CA ARG B 413 -25.48 21.16 6.11
C ARG B 413 -24.74 20.28 5.10
N ARG B 414 -24.38 20.84 3.94
CA ARG B 414 -23.68 20.04 2.94
C ARG B 414 -22.28 19.69 3.41
N LEU B 415 -21.64 20.58 4.16
CA LEU B 415 -20.34 20.28 4.76
C LEU B 415 -20.44 19.11 5.74
N CYS B 416 -21.44 19.15 6.63
CA CYS B 416 -21.61 18.05 7.60
C CYS B 416 -21.95 16.76 6.89
N PHE B 417 -22.74 16.84 5.81
CA PHE B 417 -23.01 15.65 5.01
C PHE B 417 -21.71 15.05 4.47
N VAL B 418 -20.78 15.90 4.02
CA VAL B 418 -19.49 15.42 3.52
C VAL B 418 -18.71 14.75 4.63
N ALA B 419 -18.75 15.33 5.83
CA ALA B 419 -18.05 14.72 6.97
C ALA B 419 -18.71 13.42 7.38
N ALA B 420 -20.04 13.38 7.41
CA ALA B 420 -20.74 12.13 7.70
C ALA B 420 -20.43 11.07 6.63
N ALA B 421 -20.38 11.49 5.36
CA ALA B 421 -20.02 10.53 4.31
C ALA B 421 -18.68 9.87 4.62
N TRP B 422 -17.67 10.66 5.00
CA TRP B 422 -16.37 10.10 5.35
C TRP B 422 -16.49 9.12 6.51
N PHE B 423 -17.24 9.49 7.55
CA PHE B 423 -17.42 8.62 8.70
C PHE B 423 -17.99 7.26 8.29
N HIS B 424 -19.01 7.25 7.43
CA HIS B 424 -19.54 5.98 6.97
C HIS B 424 -18.57 5.29 6.02
N TYR B 425 -17.83 6.09 5.24
CA TYR B 425 -16.83 5.56 4.31
C TYR B 425 -15.79 4.71 5.03
N ILE B 426 -15.44 5.11 6.26
CA ILE B 426 -14.40 4.40 7.01
C ILE B 426 -14.72 2.91 7.16
N LYS B 427 -16.00 2.55 7.24
CA LYS B 427 -16.39 1.15 7.41
C LYS B 427 -16.16 0.31 6.15
N GLY B 428 -15.78 0.93 5.03
CA GLY B 428 -15.27 0.21 3.87
C GLY B 428 -16.28 -0.57 3.06
N VAL B 429 -17.56 -0.23 3.14
CA VAL B 429 -18.59 -0.91 2.35
C VAL B 429 -19.41 0.16 1.63
N ASP B 430 -19.57 0.00 0.31
CA ASP B 430 -20.30 1.00 -0.45
C ASP B 430 -21.80 0.73 -0.36
N ASP B 431 -22.60 1.63 -0.93
CA ASP B 431 -24.05 1.58 -0.74
C ASP B 431 -24.68 0.34 -1.34
N ARG B 432 -24.03 -0.27 -2.32
CA ARG B 432 -24.48 -1.52 -2.94
C ARG B 432 -23.99 -2.75 -2.19
N GLY B 433 -23.39 -2.58 -1.02
CA GLY B 433 -22.85 -3.71 -0.27
C GLY B 433 -21.49 -4.22 -0.72
N LYS B 434 -20.86 -3.61 -1.74
CA LYS B 434 -19.53 -4.06 -2.15
C LYS B 434 -18.44 -3.38 -1.31
N PRO B 435 -17.39 -4.10 -0.93
CA PRO B 435 -16.34 -3.51 -0.09
C PRO B 435 -15.28 -2.78 -0.90
N PHE B 436 -14.57 -1.89 -0.21
CA PHE B 436 -13.49 -1.13 -0.80
C PHE B 436 -12.44 -0.85 0.27
N GLU B 437 -11.20 -0.61 -0.18
CA GLU B 437 -10.09 -0.36 0.73
C GLU B 437 -10.09 1.08 1.24
N VAL B 438 -9.98 1.25 2.55
CA VAL B 438 -9.73 2.55 3.15
C VAL B 438 -8.23 2.68 3.37
N VAL B 439 -7.62 3.71 2.76
CA VAL B 439 -6.18 3.94 2.84
C VAL B 439 -5.95 5.20 3.66
N ASP B 440 -5.29 5.05 4.80
CA ASP B 440 -5.15 6.14 5.76
C ASP B 440 -4.11 5.73 6.79
N PRO B 441 -3.13 6.58 7.10
CA PRO B 441 -2.18 6.20 8.16
C PRO B 441 -2.86 5.93 9.48
N MET B 442 -4.08 6.43 9.69
CA MET B 442 -4.86 6.21 10.90
C MET B 442 -5.93 5.14 10.71
N ARG B 443 -5.83 4.34 9.65
CA ARG B 443 -6.92 3.45 9.26
C ARG B 443 -7.41 2.60 10.43
N GLU B 444 -6.48 2.02 11.19
CA GLU B 444 -6.88 1.05 12.21
C GLU B 444 -7.62 1.73 13.36
N GLU B 445 -7.13 2.87 13.83
CA GLU B 445 -7.86 3.58 14.87
C GLU B 445 -9.22 4.05 14.37
N LEU B 446 -9.27 4.59 13.14
CA LEU B 446 -10.53 5.09 12.61
C LEU B 446 -11.56 3.97 12.48
N GLN B 447 -11.16 2.85 11.86
CA GLN B 447 -12.09 1.74 11.69
C GLN B 447 -12.52 1.17 13.04
N ALA B 448 -11.64 1.19 14.04
CA ALA B 448 -12.01 0.72 15.37
C ALA B 448 -13.07 1.62 15.98
N LYS B 449 -12.86 2.94 15.92
CA LYS B 449 -13.84 3.88 16.45
C LYS B 449 -15.13 3.88 15.63
N ALA B 450 -15.03 3.77 14.29
CA ALA B 450 -16.25 3.66 13.49
C ALA B 450 -17.06 2.44 13.90
N ARG B 451 -16.39 1.29 14.12
CA ARG B 451 -17.08 0.09 14.54
C ARG B 451 -17.73 0.28 15.91
N ALA B 452 -16.99 0.87 16.85
CA ALA B 452 -17.56 1.20 18.15
C ALA B 452 -18.74 2.14 18.01
N GLY B 453 -18.59 3.20 17.20
CA GLY B 453 -19.65 4.19 17.08
C GLY B 453 -20.93 3.70 16.44
N GLY B 454 -20.84 2.81 15.45
CA GLY B 454 -22.05 2.42 14.72
C GLY B 454 -22.58 3.50 13.77
N ASN B 455 -23.83 3.90 13.97
CA ASN B 455 -24.48 4.93 13.15
C ASN B 455 -24.35 6.33 13.72
N ASP B 456 -23.85 6.46 14.97
CA ASP B 456 -23.59 7.60 15.84
C ASP B 456 -22.18 8.13 15.57
N PRO B 457 -21.99 9.45 15.39
CA PRO B 457 -20.65 9.97 15.08
C PRO B 457 -19.75 10.22 16.28
N SER B 458 -20.23 9.97 17.51
CA SER B 458 -19.52 10.44 18.69
C SER B 458 -18.17 9.75 18.87
N GLU B 459 -18.08 8.45 18.59
CA GLU B 459 -16.81 7.75 18.75
C GLU B 459 -15.74 8.31 17.82
N LEU B 460 -16.09 8.59 16.57
CA LEU B 460 -15.11 9.14 15.63
C LEU B 460 -14.75 10.57 16.00
N LEU B 461 -15.75 11.35 16.40
CA LEU B 461 -15.49 12.70 16.89
C LEU B 461 -14.65 12.70 18.16
N SER B 462 -14.59 11.56 18.86
CA SER B 462 -13.80 11.49 20.10
C SER B 462 -12.30 11.47 19.86
N ILE B 463 -11.85 11.32 18.61
CA ILE B 463 -10.43 11.31 18.30
C ILE B 463 -9.85 12.72 18.45
N LYS B 464 -9.24 12.98 19.61
CA LYS B 464 -8.84 14.34 19.98
C LYS B 464 -7.76 14.92 19.06
N SER B 465 -6.95 14.08 18.41
CA SER B 465 -5.93 14.57 17.47
C SER B 465 -6.52 15.04 16.15
N LEU B 466 -7.78 14.73 15.84
CA LEU B 466 -8.42 15.14 14.60
C LEU B 466 -9.53 16.18 14.79
N PHE B 467 -10.18 16.20 15.95
CA PHE B 467 -11.33 17.05 16.20
C PHE B 467 -11.17 17.76 17.53
N GLY B 468 -11.54 19.04 17.57
CA GLY B 468 -11.42 19.85 18.77
C GLY B 468 -12.71 19.90 19.58
N ASP B 469 -12.57 20.44 20.80
CA ASP B 469 -13.73 20.63 21.66
C ASP B 469 -14.75 21.56 21.04
N ASP B 470 -14.31 22.48 20.18
CA ASP B 470 -15.25 23.37 19.49
C ASP B 470 -16.31 22.58 18.73
N LEU B 471 -15.89 21.53 18.03
CA LEU B 471 -16.84 20.70 17.29
C LEU B 471 -17.76 19.93 18.23
N ARG B 472 -17.17 19.16 19.16
CA ARG B 472 -17.95 18.27 20.01
C ARG B 472 -18.96 19.02 20.85
N ASN B 473 -18.63 20.24 21.28
CA ASN B 473 -19.52 20.99 22.14
C ASN B 473 -20.58 21.77 21.39
N ASP B 474 -20.67 21.65 20.06
CA ASP B 474 -21.64 22.43 19.30
C ASP B 474 -22.81 21.54 18.96
N GLU B 475 -23.96 21.82 19.59
CA GLU B 475 -25.15 20.99 19.43
C GLU B 475 -25.68 21.00 18.00
N ARG B 476 -25.70 22.17 17.36
CA ARG B 476 -26.17 22.23 15.97
C ARG B 476 -25.31 21.33 15.06
N PHE B 477 -23.98 21.41 15.20
CA PHE B 477 -23.12 20.55 14.38
C PHE B 477 -23.35 19.08 14.71
N LEU B 478 -23.49 18.75 16.00
CA LEU B 478 -23.79 17.37 16.37
C LEU B 478 -25.11 16.89 15.78
N ARG B 479 -26.15 17.72 15.86
CA ARG B 479 -27.43 17.33 15.29
C ARG B 479 -27.32 17.12 13.79
N GLU B 480 -26.60 18.01 13.09
CA GLU B 480 -26.58 17.91 11.64
C GLU B 480 -25.75 16.71 11.17
N ILE B 481 -24.58 16.49 11.76
CA ILE B 481 -23.76 15.37 11.33
C ILE B 481 -24.40 14.04 11.70
N THR B 482 -25.14 13.99 12.82
CA THR B 482 -25.81 12.75 13.20
C THR B 482 -26.95 12.43 12.25
N THR B 483 -27.74 13.44 11.89
CA THR B 483 -28.78 13.26 10.87
C THR B 483 -28.19 12.70 9.58
N ALA B 484 -27.18 13.39 9.03
CA ALA B 484 -26.61 12.96 7.75
C ALA B 484 -26.07 11.54 7.85
N MET B 485 -25.45 11.22 8.98
CA MET B 485 -24.79 9.93 9.13
C MET B 485 -25.81 8.78 9.18
N ASN B 486 -26.90 8.97 9.91
CA ASN B 486 -27.96 7.96 9.94
C ASN B 486 -28.59 7.77 8.57
N ASP B 487 -28.91 8.89 7.91
CA ASP B 487 -29.57 8.79 6.60
C ASP B 487 -28.67 8.13 5.56
N ILE B 488 -27.37 8.45 5.58
CA ILE B 488 -26.46 7.84 4.62
C ILE B 488 -26.34 6.34 4.87
N ALA B 489 -26.20 5.93 6.13
CA ALA B 489 -26.08 4.51 6.42
C ALA B 489 -27.39 3.76 6.11
N ARG B 490 -28.52 4.40 6.39
CA ARG B 490 -29.80 3.74 6.16
C ARG B 490 -30.13 3.65 4.67
N ASP B 491 -29.98 4.76 3.96
CA ASP B 491 -30.51 4.89 2.61
C ASP B 491 -29.45 5.08 1.54
N GLY B 492 -28.20 5.32 1.92
CA GLY B 492 -27.15 5.56 0.95
C GLY B 492 -27.07 7.01 0.50
N ILE B 493 -26.02 7.28 -0.27
CA ILE B 493 -25.70 8.65 -0.69
C ILE B 493 -26.78 9.18 -1.64
N MET B 494 -27.12 8.40 -2.67
CA MET B 494 -27.98 8.89 -3.75
C MET B 494 -29.40 9.18 -3.26
N LYS B 495 -29.94 8.35 -2.37
CA LYS B 495 -31.26 8.62 -1.81
C LYS B 495 -31.26 9.79 -0.83
N THR B 496 -30.11 10.09 -0.22
CA THR B 496 -30.03 11.17 0.78
C THR B 496 -29.76 12.53 0.16
N LEU B 497 -29.01 12.58 -0.94
CA LEU B 497 -28.68 13.85 -1.59
C LEU B 497 -29.84 14.80 -1.82
N PRO B 498 -31.05 14.36 -2.18
CA PRO B 498 -32.13 15.35 -2.40
C PRO B 498 -32.47 16.16 -1.15
N LYS B 499 -32.13 15.67 0.05
CA LYS B 499 -32.36 16.46 1.26
C LYS B 499 -31.35 17.58 1.44
N TYR B 500 -30.28 17.60 0.64
CA TYR B 500 -29.20 18.57 0.76
C TYR B 500 -29.11 19.44 -0.47
N ILE B 501 -30.17 19.49 -1.27
CA ILE B 501 -30.22 20.24 -2.52
C ILE B 501 -31.40 21.20 -2.41
N ASN B 502 -31.14 22.49 -2.57
CA ASN B 502 -32.16 23.55 -2.42
C ASN B 502 -33.06 23.62 -3.64
PA NAI C . 6.57 -23.43 2.85
O1A NAI C . 6.35 -24.91 3.01
O2A NAI C . 7.93 -23.00 3.21
O5B NAI C . 6.28 -23.03 1.32
C5B NAI C . 5.80 -21.74 0.99
C4B NAI C . 5.77 -21.57 -0.57
O4B NAI C . 5.92 -20.26 -0.81
C3B NAI C . 7.02 -22.35 -1.32
O3B NAI C . 6.54 -22.99 -2.52
C2B NAI C . 7.85 -21.40 -1.66
O2B NAI C . 8.61 -21.69 -2.82
C1B NAI C . 6.87 -20.23 -2.00
N9A NAI C . 7.24 -18.83 -2.05
C8A NAI C . 7.92 -18.14 -1.14
N7A NAI C . 8.08 -16.90 -1.58
C5A NAI C . 7.54 -16.80 -2.80
C6A NAI C . 7.39 -15.80 -3.77
N6A NAI C . 7.93 -14.46 -3.52
N1A NAI C . 6.79 -16.05 -4.89
C2A NAI C . 6.29 -17.26 -5.14
N3A NAI C . 6.40 -18.24 -4.27
C4A NAI C . 7.00 -18.03 -3.10
O3 NAI C . 5.58 -22.63 3.89
PN NAI C . 4.00 -23.07 4.30
O1N NAI C . 4.00 -23.77 5.68
O2N NAI C . 3.37 -23.93 3.23
O5D NAI C . 3.14 -21.68 4.42
C5D NAI C . 3.25 -20.75 3.38
C4D NAI C . 1.91 -19.99 3.36
O4D NAI C . 0.97 -20.80 3.83
C3D NAI C . 1.94 -18.73 4.34
O3D NAI C . 3.22 -18.52 4.91
C2D NAI C . 0.92 -19.06 5.46
O2D NAI C . 0.20 -17.86 5.60
C1D NAI C . 0.11 -20.04 4.98
N1N NAI C . -0.27 -20.85 6.15
C2N NAI C . 0.68 -21.78 6.71
C3N NAI C . 0.33 -22.45 8.00
C7N NAI C . 1.28 -23.50 8.57
O7N NAI C . 2.24 -23.84 7.94
N7N NAI C . 0.94 -24.06 9.89
C4N NAI C . -0.92 -22.12 8.81
C5N NAI C . -1.99 -21.45 7.93
C6N NAI C . -1.55 -20.69 6.71
PA NAI D . 7.72 12.80 -9.41
O1A NAI D . 7.42 13.01 -10.85
O2A NAI D . 7.57 11.37 -9.04
O5B NAI D . 9.24 13.30 -9.10
C5B NAI D . 9.47 14.10 -7.95
C4B NAI D . 10.91 14.70 -8.03
O4B NAI D . 11.39 14.84 -6.81
C3B NAI D . 11.91 13.65 -8.83
O3B NAI D . 12.20 14.17 -10.14
C2B NAI D . 13.02 13.55 -8.15
O2B NAI D . 14.16 13.88 -8.93
C1B NAI D . 12.91 14.57 -6.94
N9A NAI D . 13.17 14.24 -5.54
C8A NAI D . 12.51 13.31 -4.84
N7A NAI D . 12.99 13.28 -3.61
C5A NAI D . 13.96 14.19 -3.50
C6A NAI D . 14.81 14.61 -2.47
N6A NAI D . 14.71 13.97 -1.16
N1A NAI D . 15.69 15.57 -2.69
C2A NAI D . 15.76 16.14 -3.91
N3A NAI D . 14.99 15.77 -4.90
C4A NAI D . 14.08 14.81 -4.73
O3 NAI D . 6.67 13.71 -8.51
PN NAI D . 5.97 15.18 -9.02
O1N NAI D . 6.95 15.95 -9.96
O2N NAI D . 4.64 14.93 -9.73
O5D NAI D . 5.73 16.07 -7.68
C5D NAI D . 6.84 16.22 -6.86
C4D NAI D . 6.71 17.62 -6.20
O4D NAI D . 5.96 18.37 -7.01
C3D NAI D . 5.97 17.54 -4.81
O3D NAI D . 5.83 16.19 -4.34
C2D NAI D . 4.59 18.21 -5.04
O2D NAI D . 4.35 19.01 -3.91
C1D NAI D . 4.74 19.01 -6.13
N1N NAI D . 3.39 19.07 -6.76
C2N NAI D . 2.80 17.89 -7.37
C3N NAI D . 1.36 17.93 -7.84
C7N NAI D . 0.83 16.89 -8.84
O7N NAI D . 1.57 16.11 -9.35
N7N NAI D . -0.62 16.87 -9.14
C4N NAI D . 0.47 19.12 -7.50
C5N NAI D . 1.28 20.40 -7.28
C6N NAI D . 2.69 20.31 -6.76
#